data_5TF6
#
_entry.id   5TF6
#
_cell.length_a   76.921
_cell.length_b   84.446
_cell.length_c   255.142
_cell.angle_alpha   90.000
_cell.angle_beta   90.000
_cell.angle_gamma   90.000
#
_symmetry.space_group_name_H-M   'P 21 21 21'
#
loop_
_entity.id
_entity.type
_entity.pdbx_description
1 polymer 'U4/U6 snRNA-associated-splicing factor PRP24'
2 polymer 'U6 snRNA'
3 non-polymer 'POTASSIUM ION'
4 non-polymer 'CHLORIDE ION'
5 non-polymer GLYCEROL
6 water water
#
loop_
_entity_poly.entity_id
_entity_poly.type
_entity_poly.pdbx_seq_one_letter_code
_entity_poly.pdbx_strand_id
1 'polypeptide(L)'
;MLTRNRELTTVLVKNLPKSYNQNKVYKYFKHCGPIIHVDVADSLKKNFRFARIEFARYDGALAAITKTHKVVGQNEIIVS
HLTECTLWMTNFPPSYTQRNIRDLLQDINVVALSIRLPSLRFNTSRRFAYIDVTSKEDARYCVEKLNGLKIEGYTLVTKV
SNPLEKSKRTDSATLEGREIMIRNLSTELLDENLLRESFEGFGSIEKINIPAGQKEHSFNNCCAFMVFENKDSAERALQM
NRSLLGNREISVSLADKKPFLERNEVKRLLASRNSKELETLICLFPLSDKVSPSLICQFLQEEIHINEKDIRKILLVSDF
NGAIIIFRDSKFAAKMLMILNGSQFQGKVIRSGTINDMKRYYNNQQNHHHHHHH
;
A,C
2 'polyribonucleotide' GGUCAAUUUGAAACAAUACAGAGAUGAUCAGCAGUUCCCCUGCAUAAGGAUGAACCGUUUUACAAAGAGACC B,D
#
loop_
_chem_comp.id
_chem_comp.type
_chem_comp.name
_chem_comp.formula
A RNA linking ADENOSINE-5'-MONOPHOSPHATE 'C10 H14 N5 O7 P'
C RNA linking CYTIDINE-5'-MONOPHOSPHATE 'C9 H14 N3 O8 P'
CL non-polymer 'CHLORIDE ION' 'Cl -1'
G RNA linking GUANOSINE-5'-MONOPHOSPHATE 'C10 H14 N5 O8 P'
GOL non-polymer GLYCEROL 'C3 H8 O3'
K non-polymer 'POTASSIUM ION' 'K 1'
U RNA linking URIDINE-5'-MONOPHOSPHATE 'C9 H13 N2 O9 P'
#
# COMPACT_ATOMS: atom_id res chain seq x y z
N MET A 1 2.15 1.68 12.78
CA MET A 1 2.64 2.54 11.70
C MET A 1 1.91 2.27 10.40
N LEU A 2 1.46 1.04 10.15
CA LEU A 2 0.89 0.80 8.84
C LEU A 2 -0.46 1.47 8.75
N THR A 3 -0.62 2.32 7.73
CA THR A 3 -1.88 2.98 7.45
C THR A 3 -2.18 2.89 5.96
N ARG A 4 -1.57 3.74 5.15
CA ARG A 4 -1.87 3.81 3.72
C ARG A 4 -0.61 4.20 2.97
N ASN A 5 -0.59 4.02 1.67
CA ASN A 5 0.55 4.39 0.86
C ASN A 5 0.07 4.95 -0.46
N ARG A 6 0.11 6.30 -0.60
CA ARG A 6 -0.58 6.87 -1.73
C ARG A 6 0.02 6.55 -3.07
N GLU A 7 1.29 6.17 -3.10
CA GLU A 7 1.93 5.89 -4.36
C GLU A 7 1.37 4.61 -5.07
N LEU A 8 0.58 3.75 -4.37
CA LEU A 8 -0.13 2.63 -4.98
C LEU A 8 -1.42 3.02 -5.62
N THR A 9 -2.05 4.09 -5.12
CA THR A 9 -3.34 4.58 -5.63
C THR A 9 -3.36 5.84 -6.47
N THR A 10 -2.25 6.54 -6.56
CA THR A 10 -2.25 7.91 -7.06
C THR A 10 -1.39 7.94 -8.30
N VAL A 11 -1.92 8.47 -9.40
CA VAL A 11 -1.12 8.58 -10.63
C VAL A 11 -0.92 10.03 -11.04
N LEU A 12 0.13 10.19 -11.84
CA LEU A 12 0.49 11.42 -12.46
C LEU A 12 0.29 11.29 -13.96
N VAL A 13 -0.51 12.21 -14.49
CA VAL A 13 -0.73 12.36 -15.89
C VAL A 13 -0.01 13.63 -16.37
N LYS A 14 0.93 13.44 -17.27
CA LYS A 14 1.65 14.52 -17.92
C LYS A 14 1.28 14.70 -19.40
N ASN A 15 1.17 15.99 -19.77
CA ASN A 15 0.97 16.45 -21.15
C ASN A 15 -0.48 16.45 -21.59
N LEU A 16 -1.39 16.76 -20.69
CA LEU A 16 -2.77 16.87 -21.05
C LEU A 16 -2.92 18.24 -21.72
N PRO A 17 -3.85 18.33 -22.69
CA PRO A 17 -4.14 19.60 -23.34
C PRO A 17 -4.60 20.65 -22.34
N LYS A 18 -4.26 21.91 -22.63
CA LYS A 18 -4.57 23.06 -21.79
C LYS A 18 -6.01 23.18 -21.41
N SER A 19 -6.92 22.63 -22.22
CA SER A 19 -8.37 22.71 -21.93
C SER A 19 -8.85 21.80 -20.81
N TYR A 20 -8.12 20.69 -20.59
CA TYR A 20 -8.50 19.68 -19.60
C TYR A 20 -8.51 20.25 -18.19
N ASN A 21 -9.71 20.44 -17.64
CA ASN A 21 -9.91 20.71 -16.19
C ASN A 21 -10.14 19.42 -15.36
N GLN A 22 -10.40 19.60 -14.08
CA GLN A 22 -10.69 18.52 -13.13
C GLN A 22 -11.85 17.69 -13.67
N ASN A 23 -12.93 18.38 -13.99
CA ASN A 23 -14.11 17.71 -14.45
C ASN A 23 -13.85 16.75 -15.61
N LYS A 24 -13.00 17.13 -16.54
CA LYS A 24 -12.89 16.27 -17.69
C LYS A 24 -11.68 15.34 -17.72
N VAL A 25 -10.85 15.42 -16.70
CA VAL A 25 -9.86 14.40 -16.42
C VAL A 25 -10.65 13.27 -15.78
N TYR A 26 -11.54 13.67 -14.91
CA TYR A 26 -12.44 12.75 -14.27
C TYR A 26 -13.12 11.87 -15.33
N LYS A 27 -13.83 12.52 -16.24
CA LYS A 27 -14.57 11.83 -17.26
C LYS A 27 -13.69 10.94 -18.13
N TYR A 28 -12.51 11.41 -18.48
CA TYR A 28 -11.61 10.56 -19.26
C TYR A 28 -11.18 9.25 -18.54
N PHE A 29 -10.94 9.30 -17.22
CA PHE A 29 -10.30 8.20 -16.47
C PHE A 29 -11.21 7.42 -15.55
N LYS A 30 -12.46 7.84 -15.42
CA LYS A 30 -13.32 7.19 -14.45
C LYS A 30 -13.72 5.77 -14.79
N HIS A 31 -13.62 5.40 -16.06
CA HIS A 31 -13.86 4.01 -16.46
C HIS A 31 -12.70 3.12 -15.92
N CYS A 32 -11.54 3.71 -15.65
CA CYS A 32 -10.42 2.93 -15.20
C CYS A 32 -10.62 2.26 -13.81
N GLY A 33 -11.51 2.82 -13.01
CA GLY A 33 -11.78 2.43 -11.65
C GLY A 33 -12.40 3.61 -10.93
N PRO A 34 -13.09 3.38 -9.81
CA PRO A 34 -13.60 4.54 -9.12
C PRO A 34 -12.50 5.46 -8.62
N ILE A 35 -12.76 6.78 -8.67
CA ILE A 35 -11.80 7.86 -8.40
C ILE A 35 -12.20 8.63 -7.14
N ILE A 36 -11.23 8.92 -6.25
CA ILE A 36 -11.51 9.66 -5.03
C ILE A 36 -11.35 11.19 -5.26
N HIS A 37 -10.36 11.61 -6.03
CA HIS A 37 -9.99 13.02 -6.10
C HIS A 37 -9.10 13.23 -7.27
N VAL A 38 -9.29 14.35 -7.95
CA VAL A 38 -8.44 14.78 -9.06
C VAL A 38 -7.94 16.18 -8.75
N ASP A 39 -6.68 16.42 -9.03
CA ASP A 39 -6.16 17.77 -9.06
C ASP A 39 -5.53 18.01 -10.43
N VAL A 40 -5.54 19.25 -10.84
CA VAL A 40 -4.99 19.64 -12.09
C VAL A 40 -4.12 20.85 -11.93
N ALA A 41 -3.04 20.95 -12.71
CA ALA A 41 -2.15 22.06 -12.60
C ALA A 41 -1.46 22.35 -13.93
N ASP A 42 -1.22 23.65 -14.17
CA ASP A 42 -0.58 24.05 -15.39
C ASP A 42 0.87 23.75 -15.33
N SER A 43 1.46 23.35 -16.44
CA SER A 43 2.93 23.39 -16.58
C SER A 43 3.45 24.82 -16.38
N LEU A 44 4.77 24.95 -16.23
CA LEU A 44 5.42 26.24 -15.95
C LEU A 44 5.21 27.30 -17.00
N LYS A 45 5.31 26.92 -18.27
CA LYS A 45 5.05 27.85 -19.39
C LYS A 45 3.57 27.85 -19.89
N LYS A 46 2.69 27.14 -19.20
CA LYS A 46 1.26 26.98 -19.54
C LYS A 46 0.99 26.33 -20.92
N ASN A 47 2.01 25.62 -21.42
CA ASN A 47 1.94 24.83 -22.64
C ASN A 47 1.05 23.56 -22.48
N PHE A 48 1.04 22.90 -21.31
CA PHE A 48 0.16 21.72 -21.08
C PHE A 48 -0.28 21.62 -19.62
N ARG A 49 -1.03 20.56 -19.31
CA ARG A 49 -1.49 20.33 -17.93
C ARG A 49 -1.11 19.01 -17.35
N PHE A 50 -0.91 19.05 -16.03
CA PHE A 50 -0.59 17.85 -15.24
C PHE A 50 -1.87 17.53 -14.53
N ALA A 51 -2.09 16.24 -14.31
CA ALA A 51 -3.14 15.87 -13.41
C ALA A 51 -2.65 14.80 -12.39
N ARG A 52 -3.23 14.86 -11.21
CA ARG A 52 -2.94 13.97 -10.15
C ARG A 52 -4.26 13.33 -9.83
N ILE A 53 -4.32 11.99 -9.91
CA ILE A 53 -5.58 11.26 -9.68
C ILE A 53 -5.38 10.23 -8.61
N GLU A 54 -6.15 10.34 -7.54
CA GLU A 54 -6.24 9.33 -6.51
C GLU A 54 -7.38 8.39 -6.82
N PHE A 55 -7.04 7.13 -7.10
CA PHE A 55 -8.07 6.08 -7.31
C PHE A 55 -8.48 5.45 -6.00
N ALA A 56 -9.68 4.94 -5.92
CA ALA A 56 -10.14 4.25 -4.73
C ALA A 56 -9.26 3.02 -4.40
N ARG A 57 -8.74 2.33 -5.41
CA ARG A 57 -7.87 1.19 -5.22
C ARG A 57 -6.71 1.10 -6.18
N TYR A 58 -5.68 0.36 -5.79
CA TYR A 58 -4.49 0.24 -6.59
C TYR A 58 -4.78 -0.20 -8.05
N ASP A 59 -5.81 -1.01 -8.25
CA ASP A 59 -6.15 -1.49 -9.59
C ASP A 59 -6.75 -0.43 -10.51
N GLY A 60 -7.48 0.54 -9.95
CA GLY A 60 -7.81 1.74 -10.73
C GLY A 60 -6.56 2.43 -11.26
N ALA A 61 -5.56 2.63 -10.39
CA ALA A 61 -4.32 3.22 -10.83
C ALA A 61 -3.60 2.40 -11.87
N LEU A 62 -3.42 1.12 -11.63
CA LEU A 62 -2.72 0.28 -12.66
C LEU A 62 -3.45 0.33 -14.02
N ALA A 63 -4.77 0.42 -14.01
CA ALA A 63 -5.54 0.54 -15.24
C ALA A 63 -5.24 1.89 -15.96
N ALA A 64 -5.22 2.98 -15.20
CA ALA A 64 -4.82 4.27 -15.74
C ALA A 64 -3.43 4.24 -16.38
N ILE A 65 -2.49 3.57 -15.73
CA ILE A 65 -1.15 3.49 -16.27
C ILE A 65 -1.08 2.76 -17.63
N THR A 66 -2.08 1.93 -17.93
CA THR A 66 -2.19 1.31 -19.28
C THR A 66 -2.44 2.34 -20.41
N LYS A 67 -2.92 3.53 -20.07
CA LYS A 67 -3.12 4.61 -21.03
C LYS A 67 -1.88 5.47 -21.24
N THR A 68 -0.76 5.06 -20.68
CA THR A 68 0.43 5.82 -20.96
C THR A 68 0.77 5.74 -22.46
N HIS A 69 1.10 6.90 -23.02
CA HIS A 69 1.61 7.06 -24.37
C HIS A 69 0.51 7.07 -25.37
N LYS A 70 -0.70 6.98 -24.88
CA LYS A 70 -1.80 7.15 -25.77
C LYS A 70 -1.98 8.65 -25.99
N VAL A 71 -2.82 8.95 -26.98
CA VAL A 71 -3.05 10.28 -27.50
C VAL A 71 -4.41 10.79 -27.07
N VAL A 72 -4.41 11.99 -26.51
CA VAL A 72 -5.61 12.66 -26.04
C VAL A 72 -5.64 13.93 -26.87
N GLY A 73 -6.56 13.95 -27.85
CA GLY A 73 -6.65 14.98 -28.89
C GLY A 73 -5.42 15.87 -29.11
N GLN A 74 -4.45 15.36 -29.88
CA GLN A 74 -3.17 16.06 -30.20
C GLN A 74 -1.95 15.59 -29.39
N ASN A 75 -2.12 15.42 -28.07
CA ASN A 75 -1.00 15.17 -27.15
C ASN A 75 -0.75 13.70 -26.75
N GLU A 76 0.52 13.27 -26.84
CA GLU A 76 0.95 11.98 -26.26
C GLU A 76 1.17 12.15 -24.72
N ILE A 77 0.23 11.59 -23.95
CA ILE A 77 0.30 11.62 -22.48
C ILE A 77 1.24 10.58 -21.90
N ILE A 78 1.57 10.78 -20.64
CA ILE A 78 2.39 9.86 -19.85
C ILE A 78 1.64 9.72 -18.54
N VAL A 79 1.39 8.47 -18.13
CA VAL A 79 0.68 8.17 -16.93
C VAL A 79 1.61 7.24 -16.19
N SER A 80 1.93 7.59 -14.93
CA SER A 80 2.80 6.81 -14.09
C SER A 80 2.33 6.90 -12.64
N HIS A 81 2.81 6.00 -11.81
CA HIS A 81 2.59 6.12 -10.39
C HIS A 81 3.25 7.45 -9.93
N LEU A 82 2.60 8.13 -9.00
CA LEU A 82 3.19 9.29 -8.39
C LEU A 82 4.00 8.85 -7.21
N THR A 83 5.29 8.67 -7.43
CA THR A 83 6.14 8.08 -6.42
C THR A 83 7.36 8.92 -6.26
N GLU A 84 7.80 9.07 -5.01
CA GLU A 84 9.01 9.85 -4.62
C GLU A 84 8.88 11.34 -4.95
N CYS A 85 7.66 11.84 -4.98
CA CYS A 85 7.39 13.19 -5.33
C CYS A 85 6.71 13.96 -4.21
N THR A 86 6.80 13.50 -2.96
CA THR A 86 6.12 14.12 -1.86
C THR A 86 7.11 14.76 -0.89
N LEU A 87 6.85 16.01 -0.56
CA LEU A 87 7.62 16.73 0.42
C LEU A 87 6.83 16.85 1.66
N TRP A 88 7.51 16.99 2.79
CA TRP A 88 6.89 17.41 4.00
C TRP A 88 7.56 18.69 4.50
N MET A 89 6.73 19.59 5.01
CA MET A 89 7.17 20.95 5.28
C MET A 89 6.60 21.34 6.60
N THR A 90 7.41 21.91 7.48
CA THR A 90 6.86 22.46 8.70
C THR A 90 7.60 23.69 9.13
N ASN A 91 7.17 24.29 10.21
CA ASN A 91 7.69 25.62 10.68
C ASN A 91 7.64 26.75 9.65
N PHE A 92 6.64 26.73 8.81
CA PHE A 92 6.29 27.94 8.07
C PHE A 92 5.51 28.87 9.00
N PRO A 93 5.32 30.18 8.63
CA PRO A 93 4.67 31.04 9.61
C PRO A 93 3.30 30.53 9.95
N PRO A 94 2.87 30.75 11.16
CA PRO A 94 1.55 30.34 11.64
C PRO A 94 0.37 30.74 10.71
N SER A 95 0.48 31.88 10.04
CA SER A 95 -0.57 32.32 9.17
C SER A 95 -0.36 31.97 7.74
N TYR A 96 0.63 31.14 7.44
CA TYR A 96 0.87 30.81 6.06
C TYR A 96 -0.27 29.99 5.49
N THR A 97 -0.58 30.14 4.21
CA THR A 97 -1.72 29.51 3.58
C THR A 97 -1.27 28.56 2.51
N GLN A 98 -2.18 27.73 2.09
CA GLN A 98 -1.93 26.89 0.95
C GLN A 98 -1.39 27.71 -0.25
N ARG A 99 -2.01 28.85 -0.52
CA ARG A 99 -1.54 29.71 -1.59
C ARG A 99 -0.12 30.20 -1.38
N ASN A 100 0.20 30.56 -0.15
CA ASN A 100 1.54 31.02 0.06
C ASN A 100 2.53 29.96 -0.24
N ILE A 101 2.15 28.70 0.06
CA ILE A 101 3.09 27.58 -0.14
C ILE A 101 3.25 27.38 -1.64
N ARG A 102 2.14 27.50 -2.36
CA ARG A 102 2.17 27.31 -3.76
C ARG A 102 3.03 28.38 -4.46
N ASP A 103 2.98 29.63 -3.99
CA ASP A 103 3.81 30.71 -4.59
C ASP A 103 5.23 30.48 -4.24
N LEU A 104 5.46 29.89 -3.07
CA LEU A 104 6.84 29.64 -2.71
C LEU A 104 7.51 28.75 -3.74
N LEU A 105 6.81 27.70 -4.15
CA LEU A 105 7.35 26.74 -5.11
C LEU A 105 7.40 27.38 -6.49
N GLN A 106 6.36 28.14 -6.81
CA GLN A 106 6.32 28.80 -8.10
C GLN A 106 7.48 29.75 -8.26
N ASP A 107 7.86 30.48 -7.22
CA ASP A 107 9.07 31.31 -7.39
C ASP A 107 10.35 30.54 -7.64
N ILE A 108 10.39 29.22 -7.45
CA ILE A 108 11.59 28.48 -7.81
C ILE A 108 11.30 27.59 -8.99
N ASN A 109 10.25 27.94 -9.69
CA ASN A 109 9.83 27.19 -10.84
C ASN A 109 9.51 25.78 -10.64
N VAL A 110 8.77 25.50 -9.59
CA VAL A 110 8.37 24.10 -9.34
C VAL A 110 6.89 24.07 -9.33
N VAL A 111 6.30 23.22 -10.15
CA VAL A 111 4.89 23.03 -10.13
C VAL A 111 4.48 22.18 -8.91
N ALA A 112 3.41 22.59 -8.24
CA ALA A 112 2.86 21.91 -7.10
C ALA A 112 1.56 21.25 -7.54
N LEU A 113 1.46 19.94 -7.49
CA LEU A 113 0.16 19.30 -7.79
C LEU A 113 -0.86 19.35 -6.67
N SER A 114 -0.43 19.30 -5.42
CA SER A 114 -1.39 19.13 -4.32
C SER A 114 -0.70 19.61 -3.08
N ILE A 115 -1.43 20.28 -2.22
CA ILE A 115 -0.84 20.74 -1.02
C ILE A 115 -1.79 20.43 0.09
N ARG A 116 -1.41 19.61 1.06
CA ARG A 116 -2.42 19.03 1.96
C ARG A 116 -2.07 19.41 3.37
N LEU A 117 -3.06 19.85 4.09
CA LEU A 117 -2.89 20.42 5.41
C LEU A 117 -3.72 19.59 6.31
N PRO A 118 -3.39 19.54 7.59
CA PRO A 118 -4.03 18.71 8.58
C PRO A 118 -5.24 19.37 9.23
N SER A 119 -6.18 18.55 9.65
CA SER A 119 -7.30 18.93 10.45
C SER A 119 -6.89 19.36 11.77
N LEU A 120 -7.49 20.44 12.20
CA LEU A 120 -7.16 21.00 13.52
C LEU A 120 -8.24 20.60 14.52
N ARG A 121 -9.15 19.69 14.16
CA ARG A 121 -10.25 19.29 15.04
C ARG A 121 -9.72 19.01 16.45
N PHE A 122 -8.68 18.21 16.57
CA PHE A 122 -8.30 17.73 17.91
C PHE A 122 -7.06 18.39 18.43
N ASN A 123 -6.45 19.26 17.62
CA ASN A 123 -5.33 20.02 18.06
C ASN A 123 -5.11 21.29 17.20
N THR A 124 -5.35 22.42 17.82
CA THR A 124 -5.44 23.70 17.18
C THR A 124 -4.11 24.12 16.62
N SER A 125 -3.04 23.60 17.21
CA SER A 125 -1.65 24.00 16.90
C SER A 125 -0.90 23.30 15.72
N ARG A 126 -1.48 22.24 15.17
CA ARG A 126 -0.81 21.49 14.14
C ARG A 126 -0.46 22.43 12.99
N ARG A 127 0.78 22.30 12.52
CA ARG A 127 1.26 23.10 11.44
C ARG A 127 2.35 22.48 10.62
N PHE A 128 1.92 21.88 9.51
CA PHE A 128 2.77 21.23 8.58
C PHE A 128 2.00 20.96 7.32
N ALA A 129 2.68 20.50 6.28
CA ALA A 129 1.98 20.26 5.02
C ALA A 129 2.72 19.24 4.23
N TYR A 130 1.95 18.48 3.42
CA TYR A 130 2.52 17.60 2.41
C TYR A 130 2.29 18.20 1.07
N ILE A 131 3.24 18.03 0.18
CA ILE A 131 3.17 18.68 -1.08
C ILE A 131 3.68 17.75 -2.12
N ASP A 132 2.87 17.51 -3.12
CA ASP A 132 3.31 16.68 -4.21
C ASP A 132 3.74 17.55 -5.38
N VAL A 133 4.89 17.22 -5.95
CA VAL A 133 5.45 17.89 -7.10
C VAL A 133 5.44 16.86 -8.23
N THR A 134 5.97 17.20 -9.40
CA THR A 134 5.84 16.35 -10.56
C THR A 134 6.99 15.45 -10.88
N SER A 135 8.10 15.57 -10.15
CA SER A 135 9.26 14.70 -10.38
C SER A 135 10.10 14.57 -9.13
N LYS A 136 10.87 13.51 -9.10
CA LYS A 136 11.74 13.24 -7.95
C LYS A 136 12.77 14.34 -7.84
N GLU A 137 13.17 14.84 -8.99
CA GLU A 137 14.21 15.80 -9.12
C GLU A 137 13.71 17.16 -8.61
N ASP A 138 12.48 17.53 -8.93
CA ASP A 138 11.86 18.72 -8.32
C ASP A 138 11.82 18.61 -6.78
N ALA A 139 11.60 17.41 -6.26
CA ALA A 139 11.48 17.26 -4.84
C ALA A 139 12.82 17.54 -4.25
N ARG A 140 13.87 17.02 -4.84
CA ARG A 140 15.22 17.25 -4.30
C ARG A 140 15.59 18.74 -4.36
N TYR A 141 15.21 19.35 -5.48
CA TYR A 141 15.40 20.79 -5.68
C TYR A 141 14.65 21.63 -4.63
N CYS A 142 13.44 21.27 -4.28
CA CYS A 142 12.76 21.97 -3.21
C CYS A 142 13.45 21.91 -1.87
N VAL A 143 14.04 20.78 -1.53
CA VAL A 143 14.68 20.64 -0.25
C VAL A 143 15.89 21.51 -0.20
N GLU A 144 16.64 21.46 -1.27
CA GLU A 144 17.87 22.20 -1.38
C GLU A 144 17.62 23.73 -1.32
N LYS A 145 16.51 24.19 -1.88
CA LYS A 145 16.23 25.62 -1.92
C LYS A 145 15.48 26.09 -0.75
N LEU A 146 14.53 25.28 -0.28
CA LEU A 146 13.58 25.77 0.70
C LEU A 146 13.94 25.34 2.10
N ASN A 147 14.69 24.26 2.27
CA ASN A 147 15.00 23.83 3.64
C ASN A 147 15.92 24.85 4.27
N GLY A 148 15.60 25.35 5.45
CA GLY A 148 16.39 26.42 6.04
C GLY A 148 16.05 27.87 5.65
N LEU A 149 15.13 28.06 4.73
CA LEU A 149 14.73 29.37 4.29
C LEU A 149 14.02 30.15 5.39
N LYS A 150 14.41 31.40 5.50
CA LYS A 150 13.79 32.27 6.45
C LYS A 150 12.61 33.01 5.82
N ILE A 151 11.44 32.82 6.41
CA ILE A 151 10.23 33.40 5.99
C ILE A 151 9.55 34.05 7.16
N GLU A 152 9.43 35.37 7.09
CA GLU A 152 8.82 36.15 8.14
C GLU A 152 9.38 35.81 9.53
N GLY A 153 10.68 35.59 9.58
CA GLY A 153 11.33 35.26 10.82
C GLY A 153 11.26 33.76 11.25
N TYR A 154 10.77 32.88 10.38
CA TYR A 154 10.64 31.44 10.68
C TYR A 154 11.58 30.62 9.78
N THR A 155 12.42 29.78 10.36
CA THR A 155 13.32 28.99 9.56
C THR A 155 12.54 27.72 9.13
N LEU A 156 12.25 27.61 7.85
CA LEU A 156 11.47 26.61 7.26
C LEU A 156 12.18 25.26 7.38
N VAL A 157 11.40 24.20 7.47
CA VAL A 157 11.90 22.82 7.40
C VAL A 157 11.26 22.19 6.20
N THR A 158 12.01 21.66 5.25
CA THR A 158 11.43 21.03 4.10
C THR A 158 12.24 19.77 3.92
N LYS A 159 11.55 18.63 3.77
CA LYS A 159 12.16 17.30 3.61
C LYS A 159 11.44 16.46 2.60
N VAL A 160 12.12 15.49 2.06
CA VAL A 160 11.44 14.42 1.35
C VAL A 160 10.57 13.67 2.37
N SER A 161 9.31 13.46 2.06
CA SER A 161 8.40 12.84 3.01
C SER A 161 8.85 11.39 3.34
N ASN A 162 9.09 11.15 4.60
CA ASN A 162 9.28 9.81 5.14
C ASN A 162 8.89 9.74 6.61
N PRO A 163 7.63 9.50 6.90
CA PRO A 163 7.24 9.49 8.32
C PRO A 163 8.03 8.55 9.24
N LEU A 164 8.57 7.47 8.71
CA LEU A 164 9.46 6.62 9.59
C LEU A 164 10.72 7.33 10.07
N GLU A 165 11.21 8.33 9.34
CA GLU A 165 12.33 9.11 9.82
C GLU A 165 11.93 10.29 10.69
N LYS A 166 10.70 10.38 11.15
CA LYS A 166 10.34 11.63 11.85
C LYS A 166 11.13 11.83 13.13
N SER A 167 11.32 13.07 13.55
CA SER A 167 12.11 13.28 14.75
C SER A 167 11.30 13.31 16.01
N LYS A 168 11.96 13.21 17.15
CA LYS A 168 11.35 13.43 18.43
C LYS A 168 10.91 14.91 18.56
N ARG A 169 9.71 15.20 19.06
CA ARG A 169 9.31 16.53 19.37
C ARG A 169 10.03 17.03 20.59
N THR A 170 10.30 18.33 20.67
CA THR A 170 10.91 18.91 21.87
C THR A 170 10.05 18.74 23.13
N ASP A 171 8.74 18.63 23.03
CA ASP A 171 7.90 18.34 24.19
C ASP A 171 7.48 16.89 24.36
N SER A 172 8.27 15.94 23.86
CA SER A 172 7.81 14.55 23.86
C SER A 172 7.80 13.89 25.24
N ALA A 173 8.43 14.54 26.21
CA ALA A 173 8.42 13.97 27.58
C ALA A 173 7.03 13.88 28.11
N THR A 174 6.26 14.92 27.85
CA THR A 174 4.87 14.98 28.25
C THR A 174 4.00 13.97 27.50
N LEU A 175 4.20 13.78 26.19
CA LEU A 175 3.45 12.80 25.43
C LEU A 175 3.83 11.35 25.90
N GLU A 176 5.02 11.12 26.38
CA GLU A 176 5.39 9.80 26.81
C GLU A 176 5.00 9.49 28.27
N GLY A 177 4.34 10.42 28.97
CA GLY A 177 3.95 10.14 30.35
C GLY A 177 5.11 10.27 31.33
N ARG A 178 6.10 11.06 30.99
CA ARG A 178 7.23 11.26 31.86
C ARG A 178 7.28 12.53 32.70
N GLU A 179 6.35 13.43 32.52
CA GLU A 179 6.35 14.70 33.23
C GLU A 179 5.24 14.70 34.24
N ILE A 180 5.57 15.05 35.48
CA ILE A 180 4.52 15.19 36.46
C ILE A 180 4.36 16.68 36.71
N MET A 181 3.20 17.01 37.23
CA MET A 181 2.88 18.34 37.71
C MET A 181 2.60 18.19 39.18
N ILE A 182 3.11 19.14 39.96
CA ILE A 182 2.97 19.18 41.39
C ILE A 182 2.21 20.44 41.72
N ARG A 183 1.13 20.26 42.47
CA ARG A 183 0.23 21.36 42.75
C ARG A 183 0.06 21.60 44.25
N ASN A 184 -0.22 22.85 44.61
CA ASN A 184 -0.58 23.25 45.98
C ASN A 184 0.61 23.28 46.91
N LEU A 185 1.78 23.55 46.33
CA LEU A 185 2.94 23.84 47.10
C LEU A 185 2.77 25.25 47.66
N SER A 186 3.46 25.50 48.77
CA SER A 186 3.51 26.83 49.31
C SER A 186 4.72 27.50 48.70
N THR A 187 4.88 28.80 48.92
CA THR A 187 6.09 29.46 48.43
C THR A 187 7.35 28.93 49.09
N GLU A 188 7.21 28.39 50.28
CA GLU A 188 8.38 27.91 51.02
C GLU A 188 8.87 26.61 50.36
N LEU A 189 7.95 25.85 49.80
CA LEU A 189 8.29 24.60 49.13
C LEU A 189 8.69 24.76 47.67
N LEU A 190 8.52 25.96 47.12
CA LEU A 190 8.75 26.18 45.68
C LEU A 190 10.18 26.52 45.40
N ASP A 191 11.01 25.48 45.43
CA ASP A 191 12.42 25.62 45.37
C ASP A 191 12.92 24.39 44.65
N GLU A 192 13.77 24.57 43.65
CA GLU A 192 14.14 23.45 42.82
C GLU A 192 14.87 22.35 43.64
N ASN A 193 15.83 22.79 44.44
CA ASN A 193 16.64 21.80 45.09
C ASN A 193 15.83 21.04 46.16
N LEU A 194 14.88 21.76 46.73
CA LEU A 194 13.96 21.12 47.65
C LEU A 194 13.14 20.01 46.97
N LEU A 195 12.57 20.32 45.80
CA LEU A 195 11.76 19.32 45.11
C LEU A 195 12.61 18.15 44.61
N ARG A 196 13.81 18.47 44.21
CA ARG A 196 14.70 17.50 43.66
C ARG A 196 15.00 16.45 44.71
N GLU A 197 15.38 16.89 45.90
CA GLU A 197 15.73 15.95 47.01
C GLU A 197 14.54 15.11 47.42
N SER A 198 13.36 15.69 47.28
CA SER A 198 12.20 14.98 47.71
C SER A 198 11.64 14.01 46.68
N PHE A 199 12.08 14.11 45.44
CA PHE A 199 11.52 13.25 44.39
C PHE A 199 12.56 12.33 43.71
N GLU A 200 13.85 12.64 43.89
CA GLU A 200 14.98 11.86 43.31
C GLU A 200 14.92 10.35 43.54
N GLY A 201 14.37 9.95 44.67
CA GLY A 201 14.25 8.54 45.01
C GLY A 201 13.38 7.73 44.08
N PHE A 202 12.55 8.40 43.30
CA PHE A 202 11.63 7.69 42.45
C PHE A 202 12.28 7.22 41.15
N GLY A 203 13.41 7.85 40.84
CA GLY A 203 14.07 7.62 39.58
C GLY A 203 14.86 8.84 39.23
N SER A 204 15.64 8.73 38.19
CA SER A 204 16.47 9.80 37.78
C SER A 204 15.64 10.92 37.10
N ILE A 205 15.97 12.15 37.46
CA ILE A 205 15.22 13.31 37.06
C ILE A 205 16.01 13.97 35.96
N GLU A 206 15.30 14.36 34.91
CA GLU A 206 15.89 14.98 33.76
C GLU A 206 15.80 16.50 33.80
N LYS A 207 14.70 17.03 34.34
CA LYS A 207 14.39 18.46 34.27
CA LYS A 207 14.54 18.49 34.45
C LYS A 207 13.42 18.83 35.42
N ILE A 208 13.55 20.00 35.99
CA ILE A 208 12.53 20.57 36.88
C ILE A 208 12.19 21.97 36.37
N ASN A 209 10.92 22.32 36.19
CA ASN A 209 10.53 23.57 35.66
C ASN A 209 9.54 24.28 36.60
N ILE A 210 9.86 25.52 37.00
CA ILE A 210 9.01 26.27 37.92
C ILE A 210 8.50 27.51 37.22
N PRO A 211 7.20 27.54 36.88
CA PRO A 211 6.64 28.71 36.24
C PRO A 211 6.96 29.97 37.03
N ALA A 212 7.31 30.99 36.29
CA ALA A 212 7.74 32.24 36.87
C ALA A 212 6.61 33.01 37.49
N GLY A 213 6.94 33.78 38.50
CA GLY A 213 6.04 34.80 39.01
C GLY A 213 5.09 34.36 40.11
N GLN A 214 5.35 33.22 40.72
CA GLN A 214 4.43 32.69 41.72
C GLN A 214 4.81 33.23 43.12
N LYS A 215 6.09 33.32 43.42
CA LYS A 215 6.56 33.92 44.67
C LYS A 215 6.37 35.44 44.60
N GLU A 216 6.64 35.97 43.44
CA GLU A 216 6.75 37.38 43.25
C GLU A 216 5.37 38.01 43.37
N HIS A 217 4.31 37.25 43.13
CA HIS A 217 2.96 37.72 43.42
C HIS A 217 2.45 37.03 44.67
N SER A 218 3.39 36.48 45.45
CA SER A 218 3.15 35.49 46.54
C SER A 218 1.83 34.72 46.53
N PHE A 219 1.79 33.65 45.75
CA PHE A 219 0.53 32.92 45.63
C PHE A 219 0.34 32.11 46.91
N ASN A 220 -0.90 31.79 47.22
CA ASN A 220 -1.16 30.80 48.26
C ASN A 220 -0.66 29.43 47.79
N ASN A 221 -1.14 29.02 46.62
CA ASN A 221 -0.77 27.78 45.96
C ASN A 221 0.12 27.95 44.72
N CYS A 222 1.22 27.19 44.72
CA CYS A 222 2.21 27.17 43.64
C CYS A 222 2.28 25.81 42.97
N CYS A 223 2.77 25.80 41.72
CA CYS A 223 2.89 24.58 40.99
C CYS A 223 4.26 24.42 40.39
N ALA A 224 4.58 23.17 40.08
CA ALA A 224 5.85 22.88 39.46
C ALA A 224 5.77 21.63 38.56
N PHE A 225 6.73 21.46 37.70
CA PHE A 225 6.73 20.36 36.77
C PHE A 225 8.09 19.71 36.88
N MET A 226 8.08 18.40 36.69
CA MET A 226 9.28 17.64 36.81
C MET A 226 9.27 16.55 35.76
N VAL A 227 10.34 16.43 35.02
CA VAL A 227 10.45 15.37 34.02
C VAL A 227 11.44 14.32 34.50
N PHE A 228 11.03 13.08 34.45
CA PHE A 228 11.92 11.97 34.75
C PHE A 228 12.44 11.35 33.48
N GLU A 229 13.58 10.69 33.59
CA GLU A 229 14.19 10.01 32.42
C GLU A 229 13.36 8.84 31.96
N ASN A 230 12.63 8.15 32.82
CA ASN A 230 11.70 7.13 32.26
C ASN A 230 10.32 7.19 32.87
N LYS A 231 9.40 6.61 32.13
CA LYS A 231 8.01 6.50 32.50
C LYS A 231 7.76 5.94 33.89
N ASP A 232 8.45 4.87 34.23
CA ASP A 232 8.15 4.11 35.46
C ASP A 232 8.42 4.94 36.67
N SER A 233 9.48 5.75 36.56
CA SER A 233 9.86 6.64 37.63
C SER A 233 8.73 7.68 37.90
N ALA A 234 8.25 8.26 36.84
CA ALA A 234 7.21 9.24 36.97
C ALA A 234 5.97 8.58 37.57
N GLU A 235 5.67 7.36 37.16
CA GLU A 235 4.52 6.67 37.71
C GLU A 235 4.71 6.36 39.21
N ARG A 236 5.96 6.13 39.61
CA ARG A 236 6.25 5.94 41.01
C ARG A 236 6.12 7.26 41.72
N ALA A 237 6.49 8.36 41.10
CA ALA A 237 6.32 9.65 41.78
C ALA A 237 4.88 10.01 42.11
N LEU A 238 3.90 9.41 41.44
CA LEU A 238 2.50 9.63 41.79
C LEU A 238 2.04 9.15 43.18
N GLN A 239 2.90 8.38 43.85
CA GLN A 239 2.60 7.96 45.21
C GLN A 239 2.66 9.19 46.12
N MET A 240 3.35 10.22 45.69
CA MET A 240 3.38 11.45 46.45
C MET A 240 2.08 12.25 46.37
N ASN A 241 1.15 11.83 45.53
CA ASN A 241 -0.11 12.51 45.50
C ASN A 241 -0.82 12.39 46.85
N ARG A 242 -1.39 13.48 47.32
CA ARG A 242 -2.12 13.52 48.62
C ARG A 242 -1.22 13.24 49.81
N SER A 243 0.06 13.55 49.70
CA SER A 243 0.99 13.29 50.77
C SER A 243 1.41 14.60 51.38
N LEU A 244 1.99 14.50 52.56
CA LEU A 244 2.40 15.67 53.32
C LEU A 244 3.79 16.10 52.85
N LEU A 245 3.96 17.40 52.64
CA LEU A 245 5.24 18.04 52.35
C LEU A 245 5.19 19.42 53.03
N GLY A 246 6.15 19.71 53.90
CA GLY A 246 6.12 20.91 54.74
C GLY A 246 4.78 20.91 55.47
N ASN A 247 3.99 21.98 55.29
CA ASN A 247 2.63 22.05 55.82
C ASN A 247 1.55 21.87 54.81
N ARG A 248 1.79 21.14 53.74
CA ARG A 248 0.78 21.03 52.69
C ARG A 248 0.45 19.57 52.35
N GLU A 249 -0.83 19.31 52.06
CA GLU A 249 -1.16 18.14 51.30
C GLU A 249 -0.98 18.49 49.81
N ILE A 250 0.05 17.94 49.16
CA ILE A 250 0.30 18.22 47.75
C ILE A 250 -0.40 17.26 46.86
N SER A 251 -0.54 17.67 45.59
CA SER A 251 -1.06 16.86 44.54
C SER A 251 0.01 16.64 43.48
N VAL A 252 0.00 15.47 42.86
CA VAL A 252 1.00 15.06 41.91
C VAL A 252 0.25 14.21 40.91
N SER A 253 0.47 14.53 39.65
CA SER A 253 -0.25 13.89 38.57
C SER A 253 0.57 14.07 37.35
N LEU A 254 0.29 13.27 36.35
CA LEU A 254 0.97 13.37 35.07
C LEU A 254 0.49 14.68 34.43
N ALA A 255 1.42 15.46 33.91
CA ALA A 255 1.03 16.70 33.28
C ALA A 255 0.11 16.40 32.06
N ASP A 256 -0.91 17.22 31.87
CA ASP A 256 -1.77 17.17 30.68
C ASP A 256 -1.17 17.87 29.50
N LYS A 257 -1.72 17.58 28.31
CA LYS A 257 -1.26 18.25 27.10
C LYS A 257 -2.12 19.42 26.69
N LYS A 258 -1.53 20.35 25.93
CA LYS A 258 -2.22 21.58 25.50
C LYS A 258 -3.57 21.36 24.81
N PRO A 259 -3.74 20.37 23.90
CA PRO A 259 -5.00 20.17 23.22
C PRO A 259 -6.13 19.81 24.16
N PHE A 260 -5.81 19.05 25.21
CA PHE A 260 -6.72 18.69 26.22
C PHE A 260 -7.04 19.95 27.01
N LEU A 261 -6.06 20.74 27.38
CA LEU A 261 -6.37 21.97 28.14
C LEU A 261 -7.19 22.94 27.33
N GLU A 262 -6.81 23.14 26.08
CA GLU A 262 -7.46 24.13 25.24
C GLU A 262 -8.86 23.68 24.98
N ARG A 263 -9.08 22.39 24.70
CA ARG A 263 -10.46 21.97 24.50
C ARG A 263 -11.36 22.27 25.73
N ASN A 264 -10.84 22.05 26.93
CA ASN A 264 -11.67 22.25 28.09
C ASN A 264 -11.95 23.71 28.34
N GLU A 265 -11.05 24.61 27.96
CA GLU A 265 -11.34 26.03 28.03
C GLU A 265 -12.48 26.36 27.04
N VAL A 266 -12.45 25.80 25.85
CA VAL A 266 -13.55 26.06 24.95
C VAL A 266 -14.87 25.57 25.52
N LYS A 267 -14.88 24.37 26.05
CA LYS A 267 -16.14 23.83 26.64
C LYS A 267 -16.72 24.68 27.76
N ARG A 268 -15.89 25.35 28.51
CA ARG A 268 -16.30 26.15 29.60
C ARG A 268 -17.08 27.36 29.00
N LEU A 269 -16.45 28.12 28.12
CA LEU A 269 -17.17 29.09 27.28
C LEU A 269 -18.45 28.61 26.65
N LEU A 270 -18.46 27.44 26.03
CA LEU A 270 -19.67 26.95 25.41
C LEU A 270 -20.79 26.67 26.42
N ALA A 271 -20.46 26.68 27.71
CA ALA A 271 -21.47 26.46 28.75
C ALA A 271 -21.64 27.68 29.65
N SER A 272 -20.87 28.76 29.44
CA SER A 272 -20.98 29.97 30.24
C SER A 272 -22.40 30.54 30.10
N ARG A 273 -22.87 31.15 31.19
CA ARG A 273 -24.09 31.97 31.17
C ARG A 273 -23.73 33.36 31.74
N ASN A 274 -22.44 33.59 32.02
CA ASN A 274 -21.95 34.90 32.39
C ASN A 274 -22.03 35.91 31.23
N SER A 275 -23.19 36.54 31.07
CA SER A 275 -23.40 37.42 29.92
C SER A 275 -22.36 38.55 29.78
N LYS A 276 -21.70 38.96 30.86
CA LYS A 276 -20.56 39.87 30.73
C LYS A 276 -19.49 39.30 29.77
N GLU A 277 -19.07 38.07 30.06
CA GLU A 277 -18.07 37.38 29.27
C GLU A 277 -18.61 37.17 27.85
N LEU A 278 -19.85 36.70 27.72
CA LEU A 278 -20.42 36.50 26.41
C LEU A 278 -20.61 37.72 25.56
N GLU A 279 -20.66 38.91 26.13
CA GLU A 279 -20.90 40.15 25.34
C GLU A 279 -19.62 40.52 24.62
N THR A 280 -18.51 39.97 25.11
CA THR A 280 -17.21 40.25 24.56
C THR A 280 -16.84 39.36 23.41
N LEU A 281 -17.65 38.36 23.07
CA LEU A 281 -17.18 37.47 22.04
C LEU A 281 -18.10 37.34 20.87
N ILE A 282 -17.59 36.95 19.71
CA ILE A 282 -18.44 36.61 18.61
C ILE A 282 -17.90 35.34 17.97
N CYS A 283 -18.74 34.68 17.21
CA CYS A 283 -18.38 33.54 16.48
C CYS A 283 -18.39 33.77 15.00
N LEU A 284 -17.47 33.12 14.31
CA LEU A 284 -17.48 33.04 12.85
C LEU A 284 -17.70 31.58 12.42
N PHE A 285 -18.46 31.39 11.36
CA PHE A 285 -18.87 30.05 10.91
C PHE A 285 -19.53 30.23 9.55
N PRO A 286 -19.58 29.20 8.74
CA PRO A 286 -18.80 28.03 8.90
C PRO A 286 -17.37 28.22 8.36
N LEU A 287 -16.46 27.45 8.94
CA LEU A 287 -15.04 27.46 8.65
C LEU A 287 -14.52 26.06 8.44
N SER A 288 -13.56 25.91 7.52
CA SER A 288 -12.85 24.66 7.33
C SER A 288 -12.10 24.26 8.61
N ASP A 289 -12.05 22.95 8.85
CA ASP A 289 -11.26 22.48 10.02
C ASP A 289 -9.78 22.56 9.81
N LYS A 290 -9.30 23.03 8.64
CA LYS A 290 -7.90 23.37 8.39
C LYS A 290 -7.43 24.74 8.82
N VAL A 291 -8.38 25.62 9.09
CA VAL A 291 -8.11 27.02 9.36
C VAL A 291 -7.68 27.30 10.77
N SER A 292 -6.49 27.84 10.97
CA SER A 292 -6.03 28.09 12.32
C SER A 292 -6.39 29.47 12.85
N PRO A 293 -6.37 29.64 14.17
CA PRO A 293 -6.56 30.90 14.79
C PRO A 293 -5.62 31.98 14.24
N SER A 294 -4.35 31.67 13.98
CA SER A 294 -3.45 32.63 13.32
C SER A 294 -3.91 33.12 11.94
N LEU A 295 -4.53 32.25 11.20
CA LEU A 295 -5.03 32.63 9.88
C LEU A 295 -6.21 33.53 10.09
N ILE A 296 -7.04 33.24 11.08
CA ILE A 296 -8.14 34.11 11.34
C ILE A 296 -7.68 35.50 11.83
N CYS A 297 -6.70 35.53 12.75
CA CYS A 297 -6.08 36.77 13.22
C CYS A 297 -5.62 37.64 12.04
N GLN A 298 -4.91 37.03 11.10
CA GLN A 298 -4.37 37.74 10.00
C GLN A 298 -5.50 38.32 9.16
N PHE A 299 -6.53 37.53 8.95
CA PHE A 299 -7.71 38.08 8.28
C PHE A 299 -8.31 39.33 8.98
N LEU A 300 -8.41 39.27 10.30
CA LEU A 300 -9.03 40.28 11.06
C LEU A 300 -8.22 41.57 10.91
N GLN A 301 -6.90 41.47 10.96
CA GLN A 301 -6.00 42.59 10.87
C GLN A 301 -5.82 43.07 9.45
N GLU A 302 -5.63 42.18 8.48
CA GLU A 302 -5.25 42.62 7.16
C GLU A 302 -6.47 43.00 6.37
N GLU A 303 -7.58 42.26 6.51
CA GLU A 303 -8.76 42.55 5.66
C GLU A 303 -9.85 43.35 6.38
N ILE A 304 -10.06 43.13 7.66
CA ILE A 304 -11.08 43.87 8.38
C ILE A 304 -10.46 45.09 9.09
N HIS A 305 -9.15 45.21 9.06
CA HIS A 305 -8.41 46.34 9.63
C HIS A 305 -8.53 46.50 11.14
N ILE A 306 -8.68 45.39 11.86
CA ILE A 306 -8.75 45.47 13.31
C ILE A 306 -7.31 45.53 13.85
N ASN A 307 -7.08 46.27 14.92
CA ASN A 307 -5.75 46.22 15.54
C ASN A 307 -5.56 45.01 16.42
N GLU A 308 -4.39 44.45 16.39
CA GLU A 308 -4.09 43.34 17.24
C GLU A 308 -4.47 43.53 18.71
N LYS A 309 -4.41 44.74 19.22
CA LYS A 309 -4.67 44.93 20.67
C LYS A 309 -6.14 44.77 21.06
N ASP A 310 -7.02 45.01 20.09
CA ASP A 310 -8.42 44.84 20.28
C ASP A 310 -8.87 43.37 20.32
N ILE A 311 -7.99 42.45 19.95
CA ILE A 311 -8.32 41.03 19.90
C ILE A 311 -7.66 40.29 21.08
N ARG A 312 -8.45 39.69 21.96
CA ARG A 312 -7.83 39.06 23.10
C ARG A 312 -7.46 37.62 22.79
N LYS A 313 -8.35 36.88 22.16
CA LYS A 313 -8.09 35.45 21.99
C LYS A 313 -8.93 34.98 20.83
N ILE A 314 -8.42 33.96 20.12
CA ILE A 314 -9.17 33.26 19.12
C ILE A 314 -9.12 31.77 19.35
N LEU A 315 -10.29 31.13 19.47
CA LEU A 315 -10.37 29.70 19.78
C LEU A 315 -11.16 28.94 18.72
N LEU A 316 -10.69 27.79 18.28
CA LEU A 316 -11.53 26.95 17.43
C LEU A 316 -12.59 26.17 18.18
N VAL A 317 -13.69 25.97 17.47
CA VAL A 317 -14.87 25.17 17.88
C VAL A 317 -15.22 24.33 16.64
N SER A 318 -14.34 23.43 16.27
CA SER A 318 -14.56 22.69 15.03
C SER A 318 -15.73 21.75 15.19
N ASP A 319 -16.14 21.45 16.40
CA ASP A 319 -17.38 20.61 16.45
C ASP A 319 -18.62 21.35 15.92
N PHE A 320 -18.58 22.71 15.85
CA PHE A 320 -19.69 23.45 15.22
C PHE A 320 -19.21 24.19 13.97
N ASN A 321 -18.10 23.72 13.43
CA ASN A 321 -17.50 24.32 12.27
C ASN A 321 -17.32 25.83 12.39
N GLY A 322 -16.84 26.26 13.57
CA GLY A 322 -16.63 27.67 13.82
C GLY A 322 -15.44 28.02 14.65
N ALA A 323 -15.45 29.26 15.09
CA ALA A 323 -14.42 29.82 15.89
C ALA A 323 -14.95 30.92 16.73
N ILE A 324 -14.33 31.14 17.87
CA ILE A 324 -14.71 32.16 18.74
C ILE A 324 -13.62 33.22 18.80
N ILE A 325 -14.04 34.50 18.71
CA ILE A 325 -13.12 35.63 18.82
C ILE A 325 -13.54 36.38 20.05
N ILE A 326 -12.64 36.52 21.01
CA ILE A 326 -12.90 37.29 22.20
C ILE A 326 -12.25 38.65 22.00
N PHE A 327 -13.04 39.72 22.09
CA PHE A 327 -12.55 41.10 21.85
C PHE A 327 -12.27 41.81 23.15
N ARG A 328 -11.71 43.01 23.02
CA ARG A 328 -11.26 43.78 24.17
C ARG A 328 -12.47 44.18 24.97
N ASP A 329 -13.57 44.58 24.32
CA ASP A 329 -14.82 44.90 25.05
C ASP A 329 -16.08 44.74 24.22
N SER A 330 -17.24 44.80 24.88
CA SER A 330 -18.52 44.44 24.27
C SER A 330 -18.96 45.42 23.24
N LYS A 331 -18.55 46.66 23.40
CA LYS A 331 -18.94 47.70 22.46
C LYS A 331 -18.26 47.44 21.13
N PHE A 332 -16.94 47.21 21.21
CA PHE A 332 -16.15 46.77 20.02
C PHE A 332 -16.72 45.46 19.38
N ALA A 333 -17.11 44.48 20.21
CA ALA A 333 -17.64 43.20 19.73
C ALA A 333 -18.89 43.44 18.92
N ALA A 334 -19.79 44.28 19.45
CA ALA A 334 -21.04 44.63 18.74
C ALA A 334 -20.89 45.28 17.35
N LYS A 335 -19.88 46.14 17.14
CA LYS A 335 -19.59 46.69 15.80
C LYS A 335 -19.03 45.61 14.90
N MET A 336 -18.06 44.88 15.42
CA MET A 336 -17.42 43.85 14.65
C MET A 336 -18.42 42.85 14.12
N LEU A 337 -19.44 42.56 14.92
CA LEU A 337 -20.50 41.64 14.58
C LEU A 337 -21.09 41.98 13.22
N MET A 338 -21.50 43.23 13.05
CA MET A 338 -22.15 43.62 11.82
C MET A 338 -21.13 43.61 10.66
N ILE A 339 -19.91 44.01 10.95
CA ILE A 339 -18.91 44.11 9.92
C ILE A 339 -18.52 42.73 9.37
N LEU A 340 -18.44 41.74 10.27
CA LEU A 340 -17.95 40.43 9.90
C LEU A 340 -19.00 39.60 9.25
N ASN A 341 -20.25 39.73 9.69
CA ASN A 341 -21.35 38.99 9.06
C ASN A 341 -21.48 39.29 7.57
N GLY A 342 -21.36 38.25 6.76
CA GLY A 342 -21.36 38.38 5.32
C GLY A 342 -20.05 38.76 4.68
N SER A 343 -18.97 38.83 5.46
CA SER A 343 -17.70 39.20 4.89
C SER A 343 -17.12 37.98 4.15
N GLN A 344 -15.99 38.17 3.47
CA GLN A 344 -15.43 37.08 2.66
C GLN A 344 -14.20 36.56 3.36
N PHE A 345 -14.05 35.24 3.41
CA PHE A 345 -12.89 34.62 4.02
C PHE A 345 -12.49 33.41 3.20
N GLN A 346 -11.24 33.38 2.71
CA GLN A 346 -10.82 32.22 1.89
C GLN A 346 -11.74 32.01 0.68
N GLY A 347 -12.18 33.09 0.07
CA GLY A 347 -13.02 33.02 -1.13
C GLY A 347 -14.42 32.47 -0.98
N LYS A 348 -14.91 32.47 0.25
CA LYS A 348 -16.27 32.08 0.59
C LYS A 348 -16.81 33.09 1.60
N VAL A 349 -18.12 33.09 1.75
CA VAL A 349 -18.81 34.05 2.58
C VAL A 349 -19.04 33.45 3.93
N ILE A 350 -18.61 34.12 5.00
CA ILE A 350 -18.84 33.66 6.35
C ILE A 350 -19.83 34.48 7.08
N ARG A 351 -20.25 33.98 8.24
CA ARG A 351 -21.26 34.67 9.05
C ARG A 351 -20.72 34.85 10.41
N SER A 352 -21.32 35.73 11.20
CA SER A 352 -20.88 35.93 12.56
C SER A 352 -22.11 35.90 13.40
N GLY A 353 -21.98 35.66 14.69
CA GLY A 353 -23.16 35.59 15.54
C GLY A 353 -22.78 35.24 16.94
N THR A 354 -23.75 35.02 17.78
CA THR A 354 -23.45 34.52 19.11
C THR A 354 -23.10 33.02 18.99
N ILE A 355 -22.73 32.40 20.10
CA ILE A 355 -22.60 30.97 20.15
C ILE A 355 -23.85 30.23 19.65
N ASN A 356 -25.01 30.62 20.19
CA ASN A 356 -26.27 29.99 19.80
C ASN A 356 -26.50 30.12 18.34
N ASP A 357 -26.11 31.23 17.73
CA ASP A 357 -26.26 31.31 16.28
C ASP A 357 -25.38 30.32 15.56
N MET A 358 -24.19 30.13 16.09
CA MET A 358 -23.30 29.21 15.46
C MET A 358 -23.88 27.77 15.56
N LYS A 359 -24.47 27.43 16.70
CA LYS A 359 -25.12 26.12 16.87
C LYS A 359 -26.27 25.97 15.97
N ARG A 360 -27.08 27.02 15.82
CA ARG A 360 -28.28 26.88 15.00
C ARG A 360 -27.83 26.64 13.65
N TYR A 361 -26.84 27.41 13.22
CA TYR A 361 -26.39 27.23 11.84
C TYR A 361 -25.85 25.76 11.63
N TYR A 362 -25.18 25.21 12.63
CA TYR A 362 -24.61 23.87 12.55
C TYR A 362 -25.76 22.81 12.61
N ASN A 363 -26.65 22.86 13.62
CA ASN A 363 -27.77 21.92 13.70
C ASN A 363 -28.53 21.88 12.39
N ASN A 364 -28.57 23.00 11.66
CA ASN A 364 -29.37 23.08 10.50
C ASN A 364 -28.60 22.57 9.37
N GLN A 365 -27.29 22.70 9.46
CA GLN A 365 -26.48 21.91 8.52
C GLN A 365 -26.69 20.38 8.60
N GLN A 366 -27.04 19.83 9.77
CA GLN A 366 -27.31 18.41 9.99
C GLN A 366 -28.58 17.93 9.33
N ASN A 367 -29.70 18.53 9.66
CA ASN A 367 -30.95 18.28 8.99
C ASN A 367 -30.76 18.13 7.51
N MET C 1 8.56 -2.94 -9.45
CA MET C 1 7.43 -2.08 -9.92
C MET C 1 6.36 -1.99 -8.82
N LEU C 2 5.50 -0.99 -8.93
CA LEU C 2 4.54 -0.75 -7.86
C LEU C 2 3.25 -1.39 -8.31
N THR C 3 2.69 -2.26 -7.46
CA THR C 3 1.41 -2.93 -7.71
C THR C 3 0.48 -2.79 -6.52
N ARG C 4 0.63 -3.70 -5.55
CA ARG C 4 -0.19 -3.69 -4.37
C ARG C 4 0.65 -4.05 -3.17
N ASN C 5 0.16 -3.74 -1.97
CA ASN C 5 0.78 -4.15 -0.77
C ASN C 5 -0.21 -4.70 0.18
N ARG C 6 -0.32 -6.03 0.27
CA ARG C 6 -1.45 -6.63 1.03
C ARG C 6 -1.45 -6.34 2.53
N GLU C 7 -0.31 -6.08 3.14
CA GLU C 7 -0.32 -5.73 4.57
C GLU C 7 -1.13 -4.47 4.93
N LEU C 8 -1.47 -3.65 3.92
CA LEU C 8 -2.31 -2.46 4.19
C LEU C 8 -3.78 -2.81 4.29
N THR C 9 -4.17 -3.84 3.60
CA THR C 9 -5.55 -4.21 3.47
C THR C 9 -5.96 -5.47 4.17
N THR C 10 -4.96 -6.22 4.64
CA THR C 10 -5.23 -7.57 5.13
C THR C 10 -4.98 -7.64 6.61
N VAL C 11 -5.97 -8.08 7.39
CA VAL C 11 -5.76 -8.27 8.80
C VAL C 11 -5.78 -9.76 9.27
N LEU C 12 -5.17 -10.00 10.43
CA LEU C 12 -5.21 -11.24 11.17
C LEU C 12 -6.06 -11.07 12.40
N VAL C 13 -7.04 -11.96 12.54
CA VAL C 13 -7.83 -12.08 13.73
C VAL C 13 -7.39 -13.35 14.49
N LYS C 14 -7.04 -13.13 15.74
CA LYS C 14 -6.62 -14.18 16.57
C LYS C 14 -7.59 -14.42 17.69
N ASN C 15 -7.77 -15.69 18.01
CA ASN C 15 -8.52 -16.16 19.18
C ASN C 15 -10.00 -16.15 19.03
N LEU C 16 -10.52 -16.41 17.83
CA LEU C 16 -11.97 -16.47 17.62
C LEU C 16 -12.49 -17.81 18.16
N PRO C 17 -13.77 -17.90 18.52
CA PRO C 17 -14.27 -19.21 19.05
C PRO C 17 -14.17 -20.32 18.02
N LYS C 18 -14.11 -21.56 18.47
CA LYS C 18 -13.98 -22.73 17.59
C LYS C 18 -15.14 -22.83 16.57
N SER C 19 -16.29 -22.32 16.92
CA SER C 19 -17.47 -22.36 16.08
C SER C 19 -17.57 -21.27 15.03
N TYR C 20 -16.65 -20.30 15.05
CA TYR C 20 -16.67 -19.28 13.97
C TYR C 20 -16.28 -19.87 12.63
N ASN C 21 -17.08 -19.66 11.62
CA ASN C 21 -16.77 -20.12 10.29
C ASN C 21 -16.57 -18.91 9.38
N GLN C 22 -16.31 -19.17 8.12
CA GLN C 22 -16.07 -18.09 7.20
C GLN C 22 -17.24 -17.12 7.21
N ASN C 23 -18.42 -17.63 6.94
CA ASN C 23 -19.63 -16.81 6.87
C ASN C 23 -19.88 -15.94 8.15
N LYS C 24 -19.49 -16.43 9.31
CA LYS C 24 -19.75 -15.70 10.59
C LYS C 24 -18.72 -14.57 10.86
N VAL C 25 -17.54 -14.80 10.35
CA VAL C 25 -16.50 -13.81 10.35
C VAL C 25 -16.89 -12.66 9.44
N TYR C 26 -17.32 -13.00 8.24
CA TYR C 26 -17.83 -12.05 7.29
C TYR C 26 -18.88 -11.21 7.95
N LYS C 27 -19.84 -11.86 8.58
CA LYS C 27 -20.93 -11.14 9.25
C LYS C 27 -20.43 -10.23 10.33
N TYR C 28 -19.48 -10.69 11.11
CA TYR C 28 -19.04 -9.89 12.21
C TYR C 28 -18.29 -8.62 11.72
N PHE C 29 -17.59 -8.73 10.60
CA PHE C 29 -16.66 -7.70 10.20
C PHE C 29 -17.05 -6.85 9.01
N LYS C 30 -18.14 -7.20 8.30
CA LYS C 30 -18.49 -6.53 7.05
C LYS C 30 -18.89 -5.07 7.25
N HIS C 31 -19.35 -4.74 8.45
CA HIS C 31 -19.59 -3.35 8.84
C HIS C 31 -18.35 -2.49 8.82
N CYS C 32 -17.16 -3.07 8.80
CA CYS C 32 -15.95 -2.31 8.85
C CYS C 32 -15.44 -1.54 7.59
N GLY C 33 -15.60 -1.87 6.31
CA GLY C 33 -16.42 -2.84 5.76
C GLY C 33 -16.02 -3.54 4.47
N PRO C 34 -16.04 -2.92 3.29
CA PRO C 34 -16.19 -3.90 2.22
C PRO C 34 -15.06 -4.91 2.15
N ILE C 35 -15.44 -6.18 2.06
CA ILE C 35 -14.50 -7.30 2.24
C ILE C 35 -14.34 -8.09 0.97
N ILE C 36 -13.12 -8.40 0.59
CA ILE C 36 -12.86 -9.14 -0.63
C ILE C 36 -12.78 -10.67 -0.35
N HIS C 37 -12.20 -11.09 0.77
CA HIS C 37 -11.92 -12.51 0.97
C HIS C 37 -11.67 -12.78 2.45
N VAL C 38 -12.27 -13.84 2.93
CA VAL C 38 -12.02 -14.35 4.27
C VAL C 38 -11.43 -15.78 4.28
N ASP C 39 -10.41 -16.04 5.06
CA ASP C 39 -9.98 -17.42 5.27
C ASP C 39 -10.01 -17.67 6.77
N VAL C 40 -10.31 -18.89 7.18
CA VAL C 40 -10.31 -19.25 8.58
C VAL C 40 -9.48 -20.51 8.76
N ALA C 41 -8.88 -20.65 9.93
CA ALA C 41 -8.07 -21.84 10.20
C ALA C 41 -7.94 -22.03 11.67
N ASP C 42 -8.01 -23.31 12.05
CA ASP C 42 -7.87 -23.70 13.43
C ASP C 42 -6.43 -23.48 13.90
N SER C 43 -6.25 -23.05 15.13
CA SER C 43 -4.96 -23.17 15.74
C SER C 43 -4.53 -24.68 15.83
N LEU C 44 -3.23 -24.97 15.82
CA LEU C 44 -2.68 -26.30 16.04
C LEU C 44 -2.30 -26.51 17.52
N LYS C 45 -2.48 -25.47 18.32
CA LYS C 45 -2.14 -25.58 19.75
C LYS C 45 -3.24 -25.36 20.75
N LYS C 46 -4.33 -24.68 20.40
CA LYS C 46 -5.37 -24.38 21.37
C LYS C 46 -6.71 -24.43 20.68
N ASN C 47 -7.80 -24.42 21.42
CA ASN C 47 -9.13 -24.45 20.79
C ASN C 47 -9.64 -23.06 20.44
N PHE C 48 -9.07 -22.51 19.37
CA PHE C 48 -9.54 -21.23 18.84
C PHE C 48 -9.19 -21.24 17.37
N ARG C 49 -9.73 -20.27 16.67
CA ARG C 49 -9.54 -20.15 15.24
C ARG C 49 -8.92 -18.80 14.89
N PHE C 50 -8.18 -18.82 13.80
CA PHE C 50 -7.59 -17.64 13.25
C PHE C 50 -8.40 -17.24 12.04
N ALA C 51 -8.45 -15.93 11.73
CA ALA C 51 -9.07 -15.52 10.44
C ALA C 51 -8.16 -14.52 9.72
N ARG C 52 -8.16 -14.58 8.39
CA ARG C 52 -7.50 -13.63 7.55
C ARG C 52 -8.57 -12.99 6.75
N ILE C 53 -8.60 -11.65 6.76
CA ILE C 53 -9.61 -10.86 6.02
C ILE C 53 -8.89 -9.85 5.14
N GLU C 54 -9.10 -9.93 3.84
CA GLU C 54 -8.65 -8.89 2.94
C GLU C 54 -9.78 -7.86 2.79
N PHE C 55 -9.54 -6.63 3.17
CA PHE C 55 -10.56 -5.57 2.92
C PHE C 55 -10.33 -4.98 1.57
N ALA C 56 -11.35 -4.39 0.97
CA ALA C 56 -11.14 -3.72 -0.37
C ALA C 56 -10.18 -2.57 -0.27
N ARG C 57 -10.16 -1.91 0.90
CA ARG C 57 -9.32 -0.73 1.11
C ARG C 57 -8.75 -0.65 2.51
N TYR C 58 -7.61 0.04 2.65
CA TYR C 58 -6.90 0.17 3.90
C TYR C 58 -7.76 0.60 5.05
N ASP C 59 -8.78 1.42 4.79
CA ASP C 59 -9.58 1.92 5.90
C ASP C 59 -10.54 0.91 6.43
N GLY C 60 -10.90 -0.07 5.60
CA GLY C 60 -11.59 -1.24 6.15
C GLY C 60 -10.71 -2.00 7.14
N ALA C 61 -9.44 -2.16 6.81
CA ALA C 61 -8.53 -2.86 7.68
C ALA C 61 -8.31 -2.09 8.98
N LEU C 62 -8.11 -0.77 8.87
CA LEU C 62 -7.87 0.09 10.07
C LEU C 62 -9.08 0.09 10.99
N ALA C 63 -10.26 0.07 10.39
CA ALA C 63 -11.48 -0.10 11.22
C ALA C 63 -11.64 -1.50 11.88
N ALA C 64 -11.37 -2.56 11.13
CA ALA C 64 -11.30 -3.89 11.72
C ALA C 64 -10.37 -3.92 12.92
N ILE C 65 -9.23 -3.27 12.81
CA ILE C 65 -8.27 -3.29 13.86
C ILE C 65 -8.75 -2.56 15.12
N THR C 66 -9.74 -1.67 15.01
CA THR C 66 -10.27 -1.06 16.23
C THR C 66 -11.08 -2.09 17.04
N LYS C 67 -11.33 -3.29 16.49
CA LYS C 67 -11.94 -4.35 17.29
C LYS C 67 -10.94 -5.18 18.12
N THR C 68 -9.67 -4.88 18.04
CA THR C 68 -8.75 -5.67 18.84
C THR C 68 -9.12 -5.63 20.32
N HIS C 69 -9.01 -6.75 21.02
CA HIS C 69 -9.44 -6.87 22.43
C HIS C 69 -10.92 -6.80 22.76
N LYS C 70 -11.81 -6.71 21.79
CA LYS C 70 -13.22 -6.99 22.04
C LYS C 70 -13.44 -8.51 22.30
N VAL C 71 -14.58 -8.78 22.94
CA VAL C 71 -15.02 -10.11 23.34
C VAL C 71 -16.00 -10.57 22.29
N VAL C 72 -15.70 -11.72 21.69
CA VAL C 72 -16.65 -12.48 20.89
C VAL C 72 -16.87 -13.84 21.58
N GLY C 73 -18.13 -14.19 21.82
CA GLY C 73 -18.49 -15.36 22.60
C GLY C 73 -17.88 -15.19 23.99
N GLN C 74 -16.95 -16.09 24.36
CA GLN C 74 -16.16 -16.00 25.61
C GLN C 74 -14.72 -15.48 25.40
N ASN C 75 -14.35 -15.14 24.18
CA ASN C 75 -12.95 -14.94 23.84
C ASN C 75 -12.61 -13.47 23.56
N GLU C 76 -11.48 -13.04 24.08
CA GLU C 76 -10.93 -11.77 23.76
C GLU C 76 -10.14 -11.94 22.45
N ILE C 77 -10.61 -11.34 21.37
CA ILE C 77 -9.87 -11.42 20.11
C ILE C 77 -8.77 -10.41 20.05
N ILE C 78 -7.85 -10.57 19.12
CA ILE C 78 -6.78 -9.60 18.87
C ILE C 78 -6.87 -9.43 17.38
N VAL C 79 -6.83 -8.19 16.88
CA VAL C 79 -6.86 -7.91 15.43
C VAL C 79 -5.68 -7.04 15.10
N SER C 80 -4.95 -7.33 14.04
CA SER C 80 -3.81 -6.56 13.68
C SER C 80 -3.60 -6.71 12.17
N HIS C 81 -2.74 -5.90 11.59
CA HIS C 81 -2.37 -6.05 10.20
C HIS C 81 -1.59 -7.37 10.06
N LEU C 82 -1.72 -8.00 8.91
CA LEU C 82 -1.00 -9.22 8.63
C LEU C 82 0.22 -8.77 7.91
N THR C 83 1.25 -8.53 8.68
CA THR C 83 2.48 -7.99 8.10
C THR C 83 3.66 -8.90 8.42
N GLU C 84 4.55 -9.08 7.45
CA GLU C 84 5.76 -9.90 7.64
C GLU C 84 5.43 -11.37 7.89
N CYS C 85 4.27 -11.81 7.41
CA CYS C 85 3.82 -13.17 7.60
C CYS C 85 3.70 -13.90 6.31
N THR C 86 4.32 -13.40 5.25
CA THR C 86 4.14 -14.01 3.96
C THR C 86 5.41 -14.75 3.50
N LEU C 87 5.27 -16.01 3.10
CA LEU C 87 6.37 -16.74 2.41
C LEU C 87 6.15 -16.86 0.90
N TRP C 88 7.22 -16.93 0.15
CA TRP C 88 7.19 -17.37 -1.19
C TRP C 88 7.95 -18.72 -1.30
N MET C 89 7.37 -19.69 -2.01
CA MET C 89 7.92 -21.03 -2.06
C MET C 89 7.98 -21.48 -3.52
N THR C 90 9.12 -22.03 -3.90
CA THR C 90 9.18 -22.63 -5.20
C THR C 90 10.02 -23.94 -5.23
N ASN C 91 10.05 -24.55 -6.40
CA ASN C 91 10.72 -25.83 -6.59
C ASN C 91 10.26 -26.94 -5.69
N PHE C 92 9.00 -26.92 -5.29
CA PHE C 92 8.34 -28.10 -4.84
C PHE C 92 8.14 -29.01 -6.03
N PRO C 93 7.87 -30.30 -5.80
CA PRO C 93 7.72 -31.17 -6.98
C PRO C 93 6.63 -30.71 -7.94
N PRO C 94 6.71 -31.09 -9.21
CA PRO C 94 5.67 -30.70 -10.14
C PRO C 94 4.25 -31.03 -9.73
N SER C 95 4.05 -32.10 -9.01
CA SER C 95 2.72 -32.55 -8.69
C SER C 95 2.31 -32.21 -7.22
N TYR C 96 3.08 -31.38 -6.56
CA TYR C 96 2.76 -31.04 -5.19
C TYR C 96 1.50 -30.19 -5.20
N THR C 97 0.56 -30.46 -4.30
CA THR C 97 -0.70 -29.74 -4.29
C THR C 97 -0.76 -28.72 -3.18
N GLN C 98 -1.78 -27.87 -3.22
CA GLN C 98 -2.05 -26.99 -2.08
C GLN C 98 -2.14 -27.77 -0.76
N ARG C 99 -2.86 -28.88 -0.76
CA ARG C 99 -2.93 -29.71 0.46
C ARG C 99 -1.55 -30.18 0.95
N ASN C 100 -0.69 -30.59 0.05
CA ASN C 100 0.65 -31.02 0.43
C ASN C 100 1.43 -29.92 1.12
N ILE C 101 1.24 -28.67 0.66
CA ILE C 101 2.00 -27.56 1.21
C ILE C 101 1.47 -27.32 2.59
N ARG C 102 0.16 -27.37 2.75
CA ARG C 102 -0.38 -27.21 4.07
C ARG C 102 0.09 -28.28 5.03
N ASP C 103 0.11 -29.53 4.56
CA ASP C 103 0.53 -30.64 5.43
C ASP C 103 1.93 -30.42 5.76
N LEU C 104 2.70 -29.97 4.79
CA LEU C 104 4.11 -29.73 5.06
C LEU C 104 4.32 -28.80 6.24
N LEU C 105 3.55 -27.70 6.30
CA LEU C 105 3.75 -26.74 7.38
C LEU C 105 3.12 -27.29 8.65
N GLN C 106 2.03 -28.00 8.47
CA GLN C 106 1.38 -28.63 9.62
C GLN C 106 2.34 -29.60 10.38
N ASP C 107 3.20 -30.31 9.66
CA ASP C 107 4.14 -31.24 10.29
C ASP C 107 5.18 -30.47 11.08
N ILE C 108 5.36 -29.15 10.85
CA ILE C 108 6.25 -28.40 11.76
C ILE C 108 5.48 -27.48 12.67
N ASN C 109 4.23 -27.84 12.96
CA ASN C 109 3.37 -27.08 13.88
C ASN C 109 3.12 -25.63 13.44
N VAL C 110 3.01 -25.39 12.15
CA VAL C 110 2.74 -24.07 11.65
C VAL C 110 1.47 -24.08 10.88
N VAL C 111 0.56 -23.24 11.31
CA VAL C 111 -0.68 -23.02 10.62
C VAL C 111 -0.48 -22.17 9.38
N ALA C 112 -1.09 -22.64 8.29
CA ALA C 112 -1.11 -21.87 7.03
C ALA C 112 -2.45 -21.21 6.84
N LEU C 113 -2.53 -19.91 7.02
CA LEU C 113 -3.80 -19.22 6.80
C LEU C 113 -4.23 -19.16 5.36
N SER C 114 -3.31 -19.07 4.42
CA SER C 114 -3.76 -18.91 3.04
C SER C 114 -2.62 -19.40 2.20
N ILE C 115 -2.90 -20.12 1.12
CA ILE C 115 -1.87 -20.57 0.23
C ILE C 115 -2.30 -20.15 -1.14
N ARG C 116 -1.49 -19.39 -1.86
CA ARG C 116 -1.95 -18.79 -3.09
C ARG C 116 -1.07 -19.18 -4.28
N LEU C 117 -1.70 -19.61 -5.32
CA LEU C 117 -1.07 -20.27 -6.46
C LEU C 117 -1.39 -19.41 -7.67
N PRO C 118 -0.50 -19.41 -8.66
CA PRO C 118 -0.65 -18.52 -9.82
C PRO C 118 -1.56 -19.03 -10.90
N SER C 119 -2.20 -18.13 -11.63
CA SER C 119 -2.91 -18.50 -12.88
C SER C 119 -1.95 -19.04 -13.91
N LEU C 120 -2.36 -20.10 -14.59
CA LEU C 120 -1.55 -20.70 -15.66
C LEU C 120 -2.10 -20.30 -16.99
N ARG C 121 -2.99 -19.34 -17.01
CA ARG C 121 -3.65 -18.98 -18.23
C ARG C 121 -2.65 -18.68 -19.33
N PHE C 122 -1.61 -17.88 -19.06
CA PHE C 122 -0.70 -17.40 -20.07
C PHE C 122 0.65 -18.07 -19.99
N ASN C 123 0.80 -18.99 -19.06
CA ASN C 123 2.04 -19.73 -18.96
C ASN C 123 1.82 -20.96 -18.08
N THR C 124 1.89 -22.10 -18.77
CA THR C 124 1.54 -23.43 -18.22
C THR C 124 2.48 -23.98 -17.16
N SER C 125 3.69 -23.45 -17.13
CA SER C 125 4.77 -24.01 -16.37
C SER C 125 5.02 -23.23 -15.07
N ARG C 126 4.19 -22.26 -14.75
CA ARG C 126 4.45 -21.53 -13.48
C ARG C 126 4.32 -22.46 -12.30
N ARG C 127 5.22 -22.31 -11.32
CA ARG C 127 5.18 -23.18 -10.18
C ARG C 127 5.85 -22.61 -8.94
N PHE C 128 5.04 -21.91 -8.14
CA PHE C 128 5.47 -21.29 -6.89
C PHE C 128 4.24 -21.07 -6.08
N ALA C 129 4.38 -20.73 -4.80
CA ALA C 129 3.20 -20.34 -4.09
C ALA C 129 3.51 -19.24 -3.07
N TYR C 130 2.49 -18.50 -2.64
CA TYR C 130 2.70 -17.60 -1.52
C TYR C 130 1.90 -18.18 -0.42
N ILE C 131 2.44 -18.12 0.77
CA ILE C 131 1.78 -18.69 1.90
C ILE C 131 1.82 -17.67 3.01
N ASP C 132 0.67 -17.38 3.61
CA ASP C 132 0.61 -16.54 4.80
C ASP C 132 0.48 -17.41 6.02
N VAL C 133 1.31 -17.14 7.03
CA VAL C 133 1.21 -17.79 8.31
C VAL C 133 0.81 -16.75 9.35
N THR C 134 0.81 -17.11 10.62
CA THR C 134 0.23 -16.29 11.62
C THR C 134 1.18 -15.43 12.41
N SER C 135 2.46 -15.40 12.10
CA SER C 135 3.38 -14.57 12.83
C SER C 135 4.65 -14.61 12.09
N LYS C 136 5.42 -13.55 12.33
CA LYS C 136 6.73 -13.35 11.74
C LYS C 136 7.68 -14.45 12.20
N GLU C 137 7.52 -14.90 13.45
CA GLU C 137 8.33 -15.99 14.02
C GLU C 137 8.05 -17.33 13.31
N ASP C 138 6.79 -17.63 13.09
CA ASP C 138 6.45 -18.80 12.32
C ASP C 138 7.02 -18.68 10.93
N ALA C 139 7.09 -17.47 10.36
CA ALA C 139 7.66 -17.35 9.02
C ALA C 139 9.10 -17.71 8.99
N ARG C 140 9.83 -17.19 9.97
CA ARG C 140 11.26 -17.48 10.14
CA ARG C 140 11.25 -17.51 10.04
C ARG C 140 11.46 -19.00 10.30
N TYR C 141 10.68 -19.63 11.17
CA TYR C 141 10.88 -21.06 11.39
C TYR C 141 10.63 -21.79 10.06
N CYS C 142 9.62 -21.39 9.29
CA CYS C 142 9.47 -22.03 8.02
C CYS C 142 10.67 -21.91 7.14
N VAL C 143 11.34 -20.74 7.05
CA VAL C 143 12.55 -20.72 6.25
C VAL C 143 13.62 -21.55 6.94
N GLU C 144 13.74 -21.56 8.26
CA GLU C 144 14.76 -22.36 8.87
CA GLU C 144 14.77 -22.39 8.90
C GLU C 144 14.59 -23.84 8.51
N LYS C 145 13.36 -24.35 8.60
CA LYS C 145 13.14 -25.78 8.38
C LYS C 145 12.94 -26.16 6.95
N LEU C 146 12.31 -25.33 6.14
CA LEU C 146 11.85 -25.81 4.83
C LEU C 146 12.69 -25.36 3.69
N ASN C 147 13.46 -24.30 3.85
CA ASN C 147 14.34 -23.90 2.74
C ASN C 147 15.51 -24.85 2.62
N GLY C 148 15.77 -25.35 1.42
CA GLY C 148 16.76 -26.40 1.24
C GLY C 148 16.26 -27.83 1.52
N LEU C 149 15.00 -27.98 1.91
CA LEU C 149 14.47 -29.34 2.14
C LEU C 149 14.33 -30.13 0.86
N LYS C 150 14.83 -31.35 0.85
CA LYS C 150 14.66 -32.22 -0.30
C LYS C 150 13.35 -32.97 -0.27
N ILE C 151 12.57 -32.88 -1.34
CA ILE C 151 11.29 -33.55 -1.40
C ILE C 151 11.22 -34.17 -2.78
N GLU C 152 11.14 -35.50 -2.79
CA GLU C 152 11.20 -36.33 -4.00
C GLU C 152 12.28 -35.91 -4.95
N GLY C 153 13.45 -35.54 -4.42
CA GLY C 153 14.56 -35.08 -5.26
C GLY C 153 14.66 -33.57 -5.47
N TYR C 154 13.59 -32.85 -5.26
CA TYR C 154 13.62 -31.39 -5.56
C TYR C 154 14.05 -30.69 -4.33
N THR C 155 15.01 -29.81 -4.46
CA THR C 155 15.47 -29.00 -3.33
C THR C 155 14.53 -27.77 -3.14
N LEU C 156 13.79 -27.71 -2.03
CA LEU C 156 12.77 -26.64 -1.88
C LEU C 156 13.37 -25.26 -1.70
N VAL C 157 12.71 -24.22 -2.23
CA VAL C 157 13.06 -22.84 -1.90
C VAL C 157 11.90 -22.25 -1.13
N THR C 158 12.21 -21.80 0.08
CA THR C 158 11.28 -21.12 0.89
C THR C 158 11.88 -19.81 1.37
N LYS C 159 11.21 -18.69 1.09
CA LYS C 159 11.75 -17.33 1.50
C LYS C 159 10.73 -16.45 2.13
N VAL C 160 11.16 -15.57 3.01
CA VAL C 160 10.35 -14.42 3.35
C VAL C 160 10.08 -13.66 2.03
N SER C 161 8.83 -13.49 1.69
CA SER C 161 8.47 -12.91 0.39
C SER C 161 8.97 -11.52 0.26
N ASN C 162 9.77 -11.30 -0.76
CA ASN C 162 10.07 -9.94 -1.24
C ASN C 162 10.43 -9.93 -2.73
N PRO C 163 9.46 -9.61 -3.60
CA PRO C 163 9.75 -9.68 -5.05
C PRO C 163 10.95 -8.85 -5.55
N LEU C 164 11.31 -7.78 -4.84
CA LEU C 164 12.46 -6.95 -5.29
C LEU C 164 13.79 -7.68 -5.10
N GLU C 165 13.79 -8.67 -4.20
CA GLU C 165 14.97 -9.53 -4.00
C GLU C 165 15.04 -10.69 -4.97
N LYS C 166 14.15 -10.78 -5.93
CA LYS C 166 14.10 -12.01 -6.69
C LYS C 166 15.39 -12.24 -7.45
N SER C 167 15.71 -13.52 -7.60
CA SER C 167 16.96 -13.92 -8.27
C SER C 167 16.71 -14.02 -9.77
N LYS C 168 17.78 -14.05 -10.55
CA LYS C 168 17.68 -14.27 -11.97
C LYS C 168 17.46 -15.75 -12.25
N ARG C 169 16.60 -16.03 -13.22
CA ARG C 169 16.35 -17.35 -13.68
C ARG C 169 17.54 -17.87 -14.45
N THR C 170 17.71 -19.18 -14.45
CA THR C 170 18.81 -19.79 -15.22
C THR C 170 18.65 -19.57 -16.74
N ASP C 171 17.41 -19.43 -17.18
CA ASP C 171 17.08 -19.27 -18.57
C ASP C 171 16.71 -17.85 -18.96
N SER C 172 17.14 -16.88 -18.17
CA SER C 172 16.70 -15.49 -18.32
C SER C 172 17.20 -14.76 -19.56
N ALA C 173 18.21 -15.32 -20.21
CA ALA C 173 18.73 -14.75 -21.47
C ALA C 173 17.60 -14.42 -22.43
N THR C 174 16.75 -15.40 -22.64
CA THR C 174 15.70 -15.25 -23.62
C THR C 174 14.71 -14.16 -23.25
N LEU C 175 14.46 -14.00 -21.96
CA LEU C 175 13.48 -13.03 -21.52
C LEU C 175 14.05 -11.62 -21.59
N GLU C 176 15.37 -11.50 -21.55
CA GLU C 176 16.00 -10.22 -21.51
C GLU C 176 16.37 -9.79 -22.93
N GLY C 177 16.00 -10.61 -23.93
CA GLY C 177 16.29 -10.34 -25.34
C GLY C 177 17.79 -10.40 -25.70
N ARG C 178 18.51 -11.29 -25.05
CA ARG C 178 19.93 -11.46 -25.29
C ARG C 178 20.23 -12.73 -26.07
N GLU C 179 19.20 -13.48 -26.45
CA GLU C 179 19.37 -14.77 -27.14
C GLU C 179 18.77 -14.71 -28.52
N ILE C 180 19.58 -15.10 -29.50
CA ILE C 180 19.14 -15.26 -30.87
C ILE C 180 19.09 -16.70 -31.22
N MET C 181 18.22 -17.05 -32.15
CA MET C 181 18.19 -18.36 -32.77
C MET C 181 18.65 -18.24 -34.23
N ILE C 182 19.58 -19.10 -34.60
CA ILE C 182 20.11 -19.14 -35.95
C ILE C 182 19.51 -20.34 -36.64
N ARG C 183 18.75 -20.08 -37.72
CA ARG C 183 18.13 -21.13 -38.51
C ARG C 183 18.66 -21.30 -39.96
N ASN C 184 18.40 -22.49 -40.51
CA ASN C 184 18.80 -22.88 -41.84
C ASN C 184 20.30 -23.00 -42.13
N LEU C 185 21.11 -23.17 -41.09
CA LEU C 185 22.51 -23.62 -41.25
C LEU C 185 22.56 -25.03 -41.87
N SER C 186 23.70 -25.36 -42.46
CA SER C 186 23.98 -26.73 -42.87
C SER C 186 24.79 -27.41 -41.77
N THR C 187 24.90 -28.73 -41.89
CA THR C 187 25.69 -29.54 -40.98
C THR C 187 27.17 -29.10 -40.91
N GLU C 188 27.69 -28.62 -42.04
CA GLU C 188 29.07 -28.11 -42.11
C GLU C 188 29.22 -26.81 -41.32
N LEU C 189 28.19 -25.98 -41.32
CA LEU C 189 28.20 -24.73 -40.55
C LEU C 189 27.87 -24.90 -39.04
N LEU C 190 27.28 -26.02 -38.70
CA LEU C 190 26.92 -26.27 -37.32
C LEU C 190 28.15 -26.63 -36.45
N ASP C 191 28.93 -25.63 -36.08
CA ASP C 191 29.93 -25.87 -35.05
C ASP C 191 30.28 -24.56 -34.38
N GLU C 192 30.68 -24.70 -33.13
CA GLU C 192 30.75 -23.61 -32.20
C GLU C 192 31.81 -22.55 -32.60
N ASN C 193 33.04 -22.99 -32.85
CA ASN C 193 34.14 -22.06 -33.23
C ASN C 193 33.82 -21.27 -34.51
N LEU C 194 33.32 -21.99 -35.49
CA LEU C 194 32.79 -21.37 -36.71
C LEU C 194 31.72 -20.32 -36.39
N LEU C 195 30.67 -20.69 -35.66
CA LEU C 195 29.63 -19.72 -35.28
C LEU C 195 30.14 -18.56 -34.41
N ARG C 196 31.03 -18.83 -33.46
CA ARG C 196 31.58 -17.75 -32.63
C ARG C 196 32.24 -16.67 -33.50
N GLU C 197 33.20 -17.10 -34.31
CA GLU C 197 33.95 -16.24 -35.24
C GLU C 197 33.03 -15.29 -36.07
N SER C 198 31.99 -15.87 -36.65
CA SER C 198 31.05 -15.10 -37.44
C SER C 198 30.24 -14.09 -36.64
N PHE C 199 30.09 -14.30 -35.33
CA PHE C 199 29.20 -13.40 -34.54
C PHE C 199 29.87 -12.55 -33.45
N GLU C 200 31.09 -12.94 -33.06
CA GLU C 200 31.80 -12.30 -31.95
C GLU C 200 31.99 -10.79 -32.12
N GLY C 201 32.02 -10.32 -33.37
CA GLY C 201 32.15 -8.87 -33.63
C GLY C 201 31.02 -8.00 -33.10
N PHE C 202 29.85 -8.61 -32.92
CA PHE C 202 28.65 -7.88 -32.47
C PHE C 202 28.64 -7.53 -30.97
N GLY C 203 29.49 -8.21 -30.20
CA GLY C 203 29.65 -7.95 -28.76
C GLY C 203 30.03 -9.26 -28.10
N SER C 204 30.35 -9.20 -26.80
CA SER C 204 30.72 -10.41 -26.04
C SER C 204 29.70 -11.53 -26.19
N ILE C 205 30.19 -12.73 -26.45
CA ILE C 205 29.34 -13.92 -26.48
C ILE C 205 29.40 -14.70 -25.17
N GLU C 206 28.23 -14.80 -24.54
CA GLU C 206 28.10 -15.49 -23.27
C GLU C 206 28.06 -16.99 -23.48
N LYS C 207 27.28 -17.46 -24.45
CA LYS C 207 27.16 -18.90 -24.63
C LYS C 207 26.52 -19.28 -25.94
N ILE C 208 26.82 -20.48 -26.37
CA ILE C 208 26.32 -21.03 -27.61
C ILE C 208 25.84 -22.45 -27.37
N ASN C 209 24.60 -22.75 -27.76
CA ASN C 209 24.00 -24.08 -27.56
C ASN C 209 23.46 -24.59 -28.82
N ILE C 210 23.62 -25.89 -29.02
CA ILE C 210 23.21 -26.53 -30.25
C ILE C 210 22.35 -27.73 -29.94
N PRO C 211 21.08 -27.70 -30.34
CA PRO C 211 20.26 -28.92 -30.19
C PRO C 211 20.96 -30.08 -30.80
N ALA C 212 21.06 -31.17 -30.03
CA ALA C 212 21.83 -32.35 -30.43
C ALA C 212 21.07 -33.19 -31.47
N GLY C 213 21.78 -34.06 -32.21
CA GLY C 213 21.13 -34.96 -33.18
C GLY C 213 21.00 -34.40 -34.60
N GLN C 214 21.39 -33.13 -34.78
CA GLN C 214 21.19 -32.46 -36.06
C GLN C 214 22.18 -32.97 -37.14
N LYS C 215 23.49 -33.00 -36.85
CA LYS C 215 24.44 -33.52 -37.84
C LYS C 215 24.40 -35.06 -37.95
N GLU C 216 24.32 -35.74 -36.81
CA GLU C 216 24.16 -37.20 -36.75
C GLU C 216 23.09 -37.70 -37.70
N HIS C 217 21.99 -36.96 -37.86
CA HIS C 217 20.88 -37.38 -38.73
C HIS C 217 20.90 -36.71 -40.10
N SER C 218 22.00 -36.01 -40.43
CA SER C 218 22.19 -35.38 -41.75
C SER C 218 21.02 -34.48 -42.19
N PHE C 219 20.60 -33.59 -41.31
CA PHE C 219 19.51 -32.68 -41.62
C PHE C 219 19.92 -31.75 -42.75
N ASN C 220 18.97 -31.52 -43.65
CA ASN C 220 19.04 -30.40 -44.55
C ASN C 220 19.33 -29.14 -43.72
N ASN C 221 18.44 -28.81 -42.77
CA ASN C 221 18.53 -27.56 -42.03
C ASN C 221 18.80 -27.74 -40.55
N CYS C 222 19.64 -26.85 -40.03
CA CYS C 222 20.16 -26.93 -38.67
C CYS C 222 19.93 -25.63 -37.90
N CYS C 223 19.60 -25.70 -36.60
CA CYS C 223 19.58 -24.50 -35.78
C CYS C 223 20.58 -24.47 -34.65
N ALA C 224 20.83 -23.27 -34.18
CA ALA C 224 21.63 -23.08 -32.99
C ALA C 224 21.10 -21.86 -32.24
N PHE C 225 21.49 -21.71 -30.99
CA PHE C 225 21.11 -20.54 -30.26
C PHE C 225 22.38 -19.90 -29.81
N MET C 226 22.38 -18.59 -29.64
CA MET C 226 23.54 -17.92 -29.09
C MET C 226 23.14 -16.84 -28.11
N VAL C 227 23.84 -16.75 -27.00
CA VAL C 227 23.48 -15.76 -26.00
C VAL C 227 24.60 -14.79 -25.93
N PHE C 228 24.26 -13.52 -25.86
CA PHE C 228 25.22 -12.42 -25.70
C PHE C 228 25.09 -11.92 -24.30
N GLU C 229 26.03 -11.10 -23.87
CA GLU C 229 26.03 -10.61 -22.48
C GLU C 229 25.09 -9.45 -22.26
N ASN C 230 24.93 -8.60 -23.26
CA ASN C 230 23.96 -7.53 -23.15
C ASN C 230 23.08 -7.57 -24.39
N LYS C 231 21.88 -7.03 -24.27
CA LYS C 231 20.92 -7.16 -25.36
C LYS C 231 21.31 -6.40 -26.62
N ASP C 232 21.94 -5.23 -26.49
CA ASP C 232 22.29 -4.42 -27.70
C ASP C 232 23.09 -5.23 -28.75
N SER C 233 23.99 -6.08 -28.26
CA SER C 233 24.80 -6.98 -29.09
C SER C 233 23.95 -7.98 -29.84
N ALA C 234 22.92 -8.48 -29.15
CA ALA C 234 21.99 -9.44 -29.75
C ALA C 234 21.14 -8.78 -30.83
N GLU C 235 20.76 -7.53 -30.56
CA GLU C 235 20.03 -6.74 -31.54
C GLU C 235 20.89 -6.44 -32.75
N ARG C 236 22.15 -6.05 -32.54
CA ARG C 236 23.05 -5.80 -33.69
C ARG C 236 23.39 -7.09 -34.45
N ALA C 237 23.33 -8.25 -33.79
CA ALA C 237 23.56 -9.53 -34.48
C ALA C 237 22.42 -9.95 -35.42
N LEU C 238 21.25 -9.32 -35.24
CA LEU C 238 20.06 -9.52 -36.09
C LEU C 238 20.28 -9.12 -37.55
N GLN C 239 21.17 -8.18 -37.79
CA GLN C 239 21.39 -7.76 -39.16
C GLN C 239 22.14 -8.85 -39.95
N MET C 240 22.58 -9.92 -39.28
CA MET C 240 23.00 -11.16 -39.96
C MET C 240 21.83 -11.92 -40.55
N ASN C 241 20.62 -11.43 -40.27
CA ASN C 241 19.43 -12.12 -40.75
C ASN C 241 19.34 -12.04 -42.26
N ARG C 242 19.11 -13.18 -42.91
CA ARG C 242 18.97 -13.25 -44.36
C ARG C 242 20.31 -13.00 -45.11
N SER C 243 21.41 -12.86 -44.37
CA SER C 243 22.71 -12.72 -44.99
C SER C 243 23.18 -14.09 -45.38
N LEU C 244 24.29 -14.15 -46.11
CA LEU C 244 24.86 -15.41 -46.55
C LEU C 244 25.94 -15.80 -45.58
N LEU C 245 25.98 -17.09 -45.22
CA LEU C 245 27.07 -17.65 -44.39
C LEU C 245 27.53 -18.95 -44.99
N GLY C 246 28.83 -19.07 -45.26
CA GLY C 246 29.34 -20.17 -46.07
C GLY C 246 28.46 -20.27 -47.30
N ASN C 247 27.91 -21.45 -47.54
CA ASN C 247 27.02 -21.66 -48.70
C ASN C 247 25.49 -21.35 -48.47
N ARG C 248 25.09 -20.81 -47.30
CA ARG C 248 23.64 -20.68 -46.94
C ARG C 248 23.17 -19.27 -46.61
N GLU C 249 21.92 -18.93 -47.00
CA GLU C 249 21.22 -17.79 -46.41
C GLU C 249 20.68 -18.28 -45.05
N ILE C 250 21.15 -17.65 -43.98
CA ILE C 250 20.69 -17.95 -42.64
C ILE C 250 19.58 -17.02 -42.22
N SER C 251 18.82 -17.47 -41.20
CA SER C 251 17.94 -16.59 -40.39
C SER C 251 18.43 -16.41 -38.97
N VAL C 252 18.25 -15.20 -38.48
CA VAL C 252 18.71 -14.81 -37.17
C VAL C 252 17.55 -13.98 -36.69
N SER C 253 16.88 -14.45 -35.63
CA SER C 253 15.85 -13.72 -34.89
C SER C 253 16.01 -13.93 -33.39
N LEU C 254 15.39 -13.04 -32.63
CA LEU C 254 15.30 -13.22 -31.21
C LEU C 254 14.53 -14.53 -30.93
N ALA C 255 15.06 -15.33 -30.02
CA ALA C 255 14.36 -16.59 -29.67
C ALA C 255 13.03 -16.31 -29.02
N ASP C 256 12.04 -17.07 -29.40
CA ASP C 256 10.77 -17.01 -28.70
C ASP C 256 10.80 -17.76 -27.36
N LYS C 257 9.78 -17.45 -26.53
CA LYS C 257 9.65 -18.06 -25.20
C LYS C 257 8.61 -19.18 -25.23
N LYS C 258 8.69 -20.12 -24.30
CA LYS C 258 7.81 -21.33 -24.32
C LYS C 258 6.29 -21.05 -24.29
N PRO C 259 5.86 -20.06 -23.51
CA PRO C 259 4.43 -19.85 -23.46
C PRO C 259 3.81 -19.48 -24.81
N PHE C 260 4.51 -18.64 -25.59
CA PHE C 260 4.16 -18.31 -26.97
C PHE C 260 4.07 -19.55 -27.83
N LEU C 261 5.11 -20.37 -27.76
CA LEU C 261 5.20 -21.58 -28.59
C LEU C 261 4.09 -22.58 -28.25
N GLU C 262 3.94 -22.86 -26.96
CA GLU C 262 2.93 -23.82 -26.51
C GLU C 262 1.55 -23.32 -26.83
N ARG C 263 1.33 -22.04 -26.70
CA ARG C 263 0.02 -21.55 -27.08
C ARG C 263 -0.25 -21.64 -28.61
N ASN C 264 0.74 -21.41 -29.45
CA ASN C 264 0.49 -21.63 -30.85
C ASN C 264 0.28 -23.13 -31.15
N GLU C 265 0.98 -24.01 -30.45
CA GLU C 265 0.68 -25.44 -30.58
C GLU C 265 -0.80 -25.74 -30.32
N VAL C 266 -1.36 -25.11 -29.29
CA VAL C 266 -2.73 -25.39 -28.88
C VAL C 266 -3.71 -24.81 -29.85
N LYS C 267 -3.50 -23.56 -30.24
CA LYS C 267 -4.30 -22.90 -31.25
C LYS C 267 -4.53 -23.72 -32.52
N ARG C 268 -3.52 -24.43 -32.97
CA ARG C 268 -3.67 -25.17 -34.20
C ARG C 268 -4.41 -26.48 -33.96
N LEU C 269 -4.29 -27.03 -32.76
CA LEU C 269 -5.08 -28.22 -32.37
C LEU C 269 -6.54 -27.83 -32.27
N LEU C 270 -6.84 -26.69 -31.70
CA LEU C 270 -8.22 -26.17 -31.71
C LEU C 270 -8.82 -25.89 -33.08
N ALA C 271 -7.99 -25.80 -34.11
CA ALA C 271 -8.51 -25.62 -35.45
C ALA C 271 -8.23 -26.83 -36.35
N SER C 272 -7.74 -27.93 -35.78
CA SER C 272 -7.40 -29.11 -36.55
C SER C 272 -8.67 -29.74 -37.13
N ARG C 273 -8.62 -30.06 -38.44
CA ARG C 273 -9.71 -30.75 -39.17
C ARG C 273 -9.44 -32.26 -39.21
N ASN C 274 -8.16 -32.61 -39.25
CA ASN C 274 -7.67 -33.96 -39.32
C ASN C 274 -8.13 -34.81 -38.18
N SER C 275 -9.01 -35.76 -38.48
CA SER C 275 -9.63 -36.57 -37.45
C SER C 275 -8.76 -37.75 -37.02
N LYS C 276 -7.69 -38.04 -37.73
CA LYS C 276 -6.67 -38.98 -37.22
C LYS C 276 -6.16 -38.46 -35.89
N GLU C 277 -5.89 -37.15 -35.84
CA GLU C 277 -5.32 -36.50 -34.66
C GLU C 277 -6.37 -36.32 -33.58
N LEU C 278 -7.51 -35.76 -33.95
CA LEU C 278 -8.63 -35.56 -33.02
C LEU C 278 -9.04 -36.83 -32.27
N GLU C 279 -8.97 -37.97 -32.94
CA GLU C 279 -9.40 -39.20 -32.32
C GLU C 279 -8.38 -39.71 -31.27
N THR C 280 -7.16 -39.18 -31.20
CA THR C 280 -6.23 -39.55 -30.09
C THR C 280 -6.35 -38.63 -28.88
N LEU C 281 -7.26 -37.66 -28.93
CA LEU C 281 -7.33 -36.72 -27.84
C LEU C 281 -8.66 -36.72 -27.15
N ILE C 282 -8.62 -36.35 -25.88
CA ILE C 282 -9.87 -36.03 -25.18
C ILE C 282 -9.68 -34.78 -24.32
N CYS C 283 -10.78 -34.08 -24.12
CA CYS C 283 -10.78 -32.86 -23.33
C CYS C 283 -11.37 -33.14 -22.00
N LEU C 284 -10.79 -32.55 -20.95
CA LEU C 284 -11.42 -32.60 -19.62
C LEU C 284 -11.80 -31.21 -19.25
N PHE C 285 -12.90 -31.09 -18.53
CA PHE C 285 -13.46 -29.80 -18.19
C PHE C 285 -14.60 -30.02 -17.23
N PRO C 286 -14.99 -29.01 -16.45
CA PRO C 286 -14.22 -27.79 -16.25
C PRO C 286 -13.12 -27.96 -15.17
N LEU C 287 -12.08 -27.13 -15.29
CA LEU C 287 -10.91 -27.11 -14.40
C LEU C 287 -10.54 -25.69 -14.06
N SER C 288 -10.00 -25.50 -12.87
CA SER C 288 -9.56 -24.18 -12.54
C SER C 288 -8.28 -23.86 -13.32
N ASP C 289 -8.08 -22.55 -13.54
CA ASP C 289 -6.87 -22.07 -14.19
C ASP C 289 -5.60 -22.21 -13.35
N LYS C 290 -5.67 -22.71 -12.14
CA LYS C 290 -4.46 -22.97 -11.39
C LYS C 290 -3.85 -24.33 -11.57
N VAL C 291 -4.61 -25.22 -12.22
CA VAL C 291 -4.25 -26.64 -12.31
C VAL C 291 -3.25 -26.95 -13.41
N SER C 292 -2.07 -27.45 -13.03
CA SER C 292 -1.04 -27.71 -14.03
C SER C 292 -1.23 -29.06 -14.79
N PRO C 293 -0.57 -29.19 -15.94
CA PRO C 293 -0.44 -30.45 -16.59
C PRO C 293 0.18 -31.50 -15.70
N SER C 294 1.19 -31.20 -14.92
CA SER C 294 1.70 -32.24 -13.98
C SER C 294 0.68 -32.79 -13.01
N LEU C 295 -0.26 -31.96 -12.52
CA LEU C 295 -1.27 -32.48 -11.58
C LEU C 295 -2.30 -33.33 -12.31
N ILE C 296 -2.66 -32.93 -13.51
CA ILE C 296 -3.53 -33.77 -14.30
C ILE C 296 -2.86 -35.12 -14.53
N CYS C 297 -1.60 -35.08 -14.93
CA CYS C 297 -0.83 -36.29 -15.15
C CYS C 297 -0.83 -37.12 -13.88
N GLN C 298 -0.52 -36.55 -12.71
CA GLN C 298 -0.59 -37.27 -11.40
CA GLN C 298 -0.56 -37.33 -11.47
C GLN C 298 -1.97 -37.87 -11.21
N PHE C 299 -3.01 -37.11 -11.54
CA PHE C 299 -4.37 -37.60 -11.38
C PHE C 299 -4.69 -38.81 -12.29
N LEU C 300 -4.30 -38.70 -13.57
CA LEU C 300 -4.49 -39.76 -14.55
C LEU C 300 -3.75 -41.04 -14.09
N GLN C 301 -2.50 -40.93 -13.70
CA GLN C 301 -1.76 -42.09 -13.16
C GLN C 301 -2.32 -42.70 -11.87
N GLU C 302 -2.65 -41.91 -10.89
CA GLU C 302 -2.91 -42.43 -9.55
C GLU C 302 -4.36 -42.70 -9.29
N GLU C 303 -5.23 -41.87 -9.84
CA GLU C 303 -6.66 -42.06 -9.63
C GLU C 303 -7.30 -42.81 -10.80
N ILE C 304 -6.74 -42.74 -11.99
CA ILE C 304 -7.39 -43.43 -13.09
C ILE C 304 -6.58 -44.65 -13.51
N HIS C 305 -5.37 -44.80 -12.98
CA HIS C 305 -4.52 -45.99 -13.19
C HIS C 305 -4.10 -46.18 -14.63
N ILE C 306 -3.95 -45.06 -15.30
CA ILE C 306 -3.39 -45.01 -16.62
C ILE C 306 -1.88 -44.92 -16.48
N ASN C 307 -1.18 -45.74 -17.25
CA ASN C 307 0.27 -45.74 -17.32
C ASN C 307 0.79 -44.53 -18.08
N GLU C 308 1.91 -43.99 -17.64
CA GLU C 308 2.54 -42.85 -18.30
C GLU C 308 2.81 -43.02 -19.81
N LYS C 309 3.31 -44.20 -20.16
CA LYS C 309 3.45 -44.67 -21.54
C LYS C 309 2.35 -44.18 -22.48
N ASP C 310 1.10 -44.31 -22.01
CA ASP C 310 -0.07 -44.15 -22.85
C ASP C 310 -0.49 -42.74 -23.04
N ILE C 311 0.18 -41.81 -22.36
CA ILE C 311 -0.08 -40.37 -22.49
C ILE C 311 1.00 -39.67 -23.22
N ARG C 312 0.69 -39.06 -24.36
CA ARG C 312 1.73 -38.36 -25.10
C ARG C 312 1.92 -36.99 -24.45
N LYS C 313 0.86 -36.20 -24.36
CA LYS C 313 0.99 -34.78 -24.04
C LYS C 313 -0.27 -34.29 -23.32
N ILE C 314 -0.09 -33.40 -22.35
CA ILE C 314 -1.23 -32.70 -21.77
C ILE C 314 -1.08 -31.19 -21.97
N LEU C 315 -2.13 -30.54 -22.49
CA LEU C 315 -2.08 -29.10 -22.78
C LEU C 315 -3.30 -28.45 -22.16
N LEU C 316 -3.12 -27.25 -21.67
CA LEU C 316 -4.19 -26.50 -21.11
C LEU C 316 -4.93 -25.63 -22.12
N VAL C 317 -6.24 -25.48 -21.88
CA VAL C 317 -7.10 -24.63 -22.68
C VAL C 317 -7.98 -23.81 -21.75
N SER C 318 -7.35 -22.79 -21.19
CA SER C 318 -7.97 -21.91 -20.21
C SER C 318 -9.11 -21.14 -20.71
N ASP C 319 -9.06 -20.74 -21.96
CA ASP C 319 -10.20 -20.05 -22.53
C ASP C 319 -11.49 -20.86 -22.52
N PHE C 320 -11.41 -22.18 -22.35
CA PHE C 320 -12.65 -22.94 -22.12
C PHE C 320 -12.60 -23.79 -20.85
N ASN C 321 -11.82 -23.31 -19.86
CA ASN C 321 -11.73 -23.97 -18.57
C ASN C 321 -11.44 -25.48 -18.70
N GLY C 322 -10.44 -25.84 -19.48
CA GLY C 322 -10.26 -27.24 -19.81
C GLY C 322 -8.85 -27.58 -20.12
N ALA C 323 -8.64 -28.84 -20.44
CA ALA C 323 -7.34 -29.30 -20.88
C ALA C 323 -7.51 -30.38 -21.93
N ILE C 324 -6.50 -30.56 -22.76
CA ILE C 324 -6.48 -31.59 -23.78
C ILE C 324 -5.49 -32.67 -23.38
N ILE C 325 -5.95 -33.91 -23.28
CA ILE C 325 -5.06 -35.04 -23.10
C ILE C 325 -4.88 -35.62 -24.50
N ILE C 326 -3.64 -35.77 -24.92
CA ILE C 326 -3.32 -36.54 -26.13
C ILE C 326 -2.74 -37.91 -25.77
N PHE C 327 -3.51 -38.93 -26.11
CA PHE C 327 -3.06 -40.30 -25.91
C PHE C 327 -2.30 -40.84 -27.12
N ARG C 328 -1.61 -41.97 -26.88
CA ARG C 328 -0.83 -42.64 -27.93
CA ARG C 328 -0.81 -42.68 -27.91
C ARG C 328 -1.69 -43.30 -29.01
N ASP C 329 -2.77 -44.01 -28.64
CA ASP C 329 -3.68 -44.49 -29.71
C ASP C 329 -5.10 -44.00 -29.56
N SER C 330 -5.79 -43.92 -30.68
CA SER C 330 -7.17 -43.49 -30.74
C SER C 330 -8.12 -44.50 -30.10
N LYS C 331 -7.72 -45.75 -30.02
CA LYS C 331 -8.59 -46.76 -29.47
C LYS C 331 -8.61 -46.57 -27.95
N PHE C 332 -7.42 -46.30 -27.42
CA PHE C 332 -7.24 -45.94 -26.02
C PHE C 332 -7.99 -44.62 -25.63
N ALA C 333 -7.78 -43.52 -26.37
CA ALA C 333 -8.59 -42.30 -26.22
C ALA C 333 -10.07 -42.59 -26.09
N ALA C 334 -10.60 -43.37 -27.02
CA ALA C 334 -12.04 -43.70 -27.00
C ALA C 334 -12.48 -44.43 -25.73
N LYS C 335 -11.57 -45.23 -25.17
CA LYS C 335 -11.87 -45.97 -23.95
C LYS C 335 -11.95 -45.00 -22.72
N MET C 336 -10.98 -44.10 -22.66
CA MET C 336 -10.87 -43.12 -21.60
C MET C 336 -11.97 -42.10 -21.67
N LEU C 337 -12.53 -41.86 -22.86
CA LEU C 337 -13.66 -40.94 -22.95
C LEU C 337 -14.67 -41.32 -21.88
N MET C 338 -14.99 -42.61 -21.81
CA MET C 338 -16.05 -43.07 -20.91
C MET C 338 -15.58 -43.10 -19.47
N ILE C 339 -14.34 -43.55 -19.27
CA ILE C 339 -13.80 -43.67 -17.91
C ILE C 339 -13.61 -42.33 -17.15
N LEU C 340 -13.13 -41.32 -17.86
CA LEU C 340 -12.84 -40.01 -17.28
C LEU C 340 -14.09 -39.21 -17.03
N ASN C 341 -15.12 -39.44 -17.84
CA ASN C 341 -16.39 -38.76 -17.55
C ASN C 341 -16.89 -39.05 -16.15
N GLY C 342 -17.09 -38.01 -15.34
CA GLY C 342 -17.68 -38.18 -14.01
C GLY C 342 -16.68 -38.56 -12.92
N SER C 343 -15.39 -38.54 -13.25
CA SER C 343 -14.34 -38.83 -12.28
C SER C 343 -14.21 -37.56 -11.44
N GLN C 344 -13.47 -37.64 -10.35
CA GLN C 344 -13.51 -36.50 -9.40
C GLN C 344 -12.13 -35.99 -9.23
N PHE C 345 -12.01 -34.70 -9.41
CA PHE C 345 -10.71 -34.04 -9.38
C PHE C 345 -10.74 -32.77 -8.54
N GLN C 346 -9.86 -32.69 -7.54
CA GLN C 346 -9.84 -31.47 -6.64
C GLN C 346 -11.24 -31.19 -6.09
N GLY C 347 -11.88 -32.26 -5.63
CA GLY C 347 -13.19 -32.20 -5.03
C GLY C 347 -14.41 -31.93 -5.88
N LYS C 348 -14.23 -31.93 -7.21
CA LYS C 348 -15.32 -31.72 -8.15
C LYS C 348 -15.43 -32.81 -9.24
N VAL C 349 -16.60 -32.88 -9.83
CA VAL C 349 -16.85 -33.82 -10.87
C VAL C 349 -16.54 -33.17 -12.23
N ILE C 350 -15.63 -33.80 -12.96
CA ILE C 350 -15.25 -33.40 -14.29
C ILE C 350 -15.91 -34.25 -15.36
N ARG C 351 -15.90 -33.70 -16.56
CA ARG C 351 -16.50 -34.31 -17.71
C ARG C 351 -15.43 -34.48 -18.75
N SER C 352 -15.67 -35.43 -19.66
CA SER C 352 -14.78 -35.65 -20.78
C SER C 352 -15.58 -35.43 -22.06
N GLY C 353 -14.91 -35.04 -23.12
CA GLY C 353 -15.54 -34.84 -24.39
C GLY C 353 -14.57 -34.46 -25.48
N THR C 354 -15.12 -34.17 -26.65
CA THR C 354 -14.34 -33.62 -27.75
C THR C 354 -14.12 -32.15 -27.47
N ILE C 355 -13.17 -31.56 -28.20
CA ILE C 355 -13.00 -30.11 -28.24
C ILE C 355 -14.35 -29.39 -28.35
N ASN C 356 -15.19 -29.79 -29.31
CA ASN C 356 -16.50 -29.13 -29.47
C ASN C 356 -17.41 -29.34 -28.25
N ASP C 357 -17.30 -30.49 -27.58
CA ASP C 357 -18.05 -30.68 -26.33
C ASP C 357 -17.60 -29.66 -25.30
N MET C 358 -16.28 -29.55 -25.17
CA MET C 358 -15.71 -28.62 -24.24
C MET C 358 -16.18 -27.19 -24.56
N LYS C 359 -16.26 -26.85 -25.84
CA LYS C 359 -16.74 -25.52 -26.20
C LYS C 359 -18.24 -25.40 -25.85
N ARG C 360 -19.03 -26.44 -26.13
CA ARG C 360 -20.48 -26.39 -25.80
C ARG C 360 -20.69 -26.15 -24.32
N TYR C 361 -19.94 -26.89 -23.51
CA TYR C 361 -20.12 -26.79 -22.07
C TYR C 361 -19.78 -25.40 -21.51
N TYR C 362 -18.71 -24.77 -22.04
CA TYR C 362 -18.32 -23.41 -21.65
C TYR C 362 -19.38 -22.36 -21.96
N ASN C 363 -20.01 -22.50 -23.13
CA ASN C 363 -21.00 -21.51 -23.53
C ASN C 363 -22.36 -21.65 -22.90
N ASN C 364 -22.60 -22.74 -22.16
CA ASN C 364 -23.85 -22.93 -21.42
C ASN C 364 -23.75 -22.63 -19.91
N GLN C 365 -22.83 -21.73 -19.55
CA GLN C 365 -22.74 -21.12 -18.21
C GLN C 365 -22.32 -19.64 -18.35
N GLN C 366 -21.08 -19.49 -18.81
CA GLN C 366 -20.31 -18.25 -18.78
C GLN C 366 -20.47 -17.48 -20.09
K K E . 4.28 6.78 0.88
CL CL F . -3.93 5.21 -0.50
CL CL G . 4.26 9.91 3.47
C1 GOL H . -28.40 33.55 21.50
O1 GOL H . -27.87 34.28 22.57
C2 GOL H . -29.17 34.36 20.52
O2 GOL H . -28.52 34.21 19.24
C3 GOL H . -30.65 33.93 20.53
O3 GOL H . -31.49 35.02 20.10
C1 GOL I . 0.52 36.81 4.37
O1 GOL I . 1.33 37.55 3.46
C2 GOL I . 1.18 35.45 4.61
O2 GOL I . 2.54 35.61 5.01
C3 GOL I . 0.50 34.65 5.72
O3 GOL I . -0.78 34.19 5.27
K K J . -22.28 8.35 26.77
C1 GOL K . -9.64 7.96 12.59
O1 GOL K . -9.11 8.45 13.83
C2 GOL K . -8.93 8.55 11.33
O2 GOL K . -7.49 8.23 11.24
C3 GOL K . -9.68 8.07 10.06
O3 GOL K . -10.86 8.83 9.74
K K L . -16.68 -42.89 -15.57
K K M . 3.98 -6.79 0.91
CL CL N . 4.91 -9.94 -1.59
CL CL O . -3.95 -4.89 -1.45
C1 GOL P . -5.64 0.28 -0.13
O1 GOL P . -6.88 0.94 -0.28
C2 GOL P . -4.73 0.52 -1.29
O2 GOL P . -3.46 0.02 -0.90
C3 GOL P . -5.26 -0.14 -2.55
O3 GOL P . -6.65 -0.24 -2.33
C1 GOL Q . -15.95 -13.12 0.72
O1 GOL Q . -16.49 -13.06 -0.62
C2 GOL Q . -15.74 -14.58 1.19
O2 GOL Q . -14.34 -15.04 1.13
C3 GOL Q . -16.37 -14.71 2.57
O3 GOL Q . -17.78 -15.03 2.48
K K R . -9.79 -8.56 -33.52
#